data_3WGT
#
_entry.id   3WGT
#
_cell.length_a   68.617
_cell.length_b   91.607
_cell.length_c   110.319
_cell.angle_alpha   90.00
_cell.angle_beta   90.00
_cell.angle_gamma   90.00
#
_symmetry.space_group_name_H-M   'P 21 21 21'
#
loop_
_entity.id
_entity.type
_entity.pdbx_description
1 polymer 'D-amino-acid oxidase'
2 non-polymer 'FLAVIN-ADENINE DINUCLEOTIDE'
3 non-polymer (1R)-1-phenylethanamine
4 non-polymer 'SULFATE ION'
5 water water
#
_entity_poly.entity_id   1
_entity_poly.type   'polypeptide(L)'
_entity_poly.pdbx_seq_one_letter_code
;MRVVVIGAGVIGLSTALCIHERYHSVLQPLDVKVYADRFTPFTTTDVAAGLWQPYTSEPSNPQEANWNQQTFNYLLSHIG
SPNAANMGLTPVSGYNLFREAVPDPYWKDMVLGFRKLTPRELDMFPDYRYGWFNTSLILEGRKYLQWLTERLTERGVKFF
LRKVESFEEVARGGADVIINCTGVWAGVLQPDPLLQPGRGQIIKVDAPWLKNFIITHDLERGIYNSPLIIPGLQAVTLGG
TFQVGNWNEINNIQDHNTIWEGCCRLEPTLKDAKIVGEYTGFGPVRPQVRLEREQLRFGSSNTEVIHNYGHGGYGLTIHW
GCALEVAKLFGKVLEERNLLTMPPSHL
;
_entity_poly.pdbx_strand_id   A,B
#
# COMPACT_ATOMS: atom_id res chain seq x y z
N MET A 1 -41.02 -15.13 7.39
CA MET A 1 -40.69 -16.18 8.36
C MET A 1 -40.24 -15.61 9.72
N ARG A 2 -40.06 -16.52 10.65
CA ARG A 2 -39.11 -16.34 11.70
C ARG A 2 -37.85 -17.05 11.26
N VAL A 3 -36.78 -16.28 11.11
CA VAL A 3 -35.47 -16.80 10.70
C VAL A 3 -34.48 -16.62 11.82
N VAL A 4 -33.78 -17.69 12.14
CA VAL A 4 -32.69 -17.61 13.04
C VAL A 4 -31.42 -17.93 12.27
N VAL A 5 -30.49 -16.97 12.28
CA VAL A 5 -29.13 -17.23 11.81
C VAL A 5 -28.20 -17.58 12.97
N ILE A 6 -27.60 -18.77 12.91
CA ILE A 6 -26.61 -19.17 13.90
C ILE A 6 -25.22 -18.88 13.37
N GLY A 7 -24.53 -17.97 14.04
CA GLY A 7 -23.19 -17.49 13.71
C GLY A 7 -23.08 -16.01 13.40
N ALA A 8 -22.05 -15.37 13.97
CA ALA A 8 -21.82 -13.95 13.76
C ALA A 8 -20.43 -13.66 13.21
N GLY A 9 -19.85 -14.65 12.53
CA GLY A 9 -18.67 -14.39 11.66
C GLY A 9 -19.07 -13.85 10.31
N VAL A 10 -18.13 -13.80 9.36
CA VAL A 10 -18.47 -13.14 8.10
C VAL A 10 -19.61 -13.88 7.42
N ILE A 11 -19.66 -15.19 7.60
CA ILE A 11 -20.66 -15.96 6.85
C ILE A 11 -22.07 -15.68 7.41
N GLY A 12 -22.22 -15.75 8.72
CA GLY A 12 -23.54 -15.48 9.36
C GLY A 12 -24.06 -14.08 9.11
N LEU A 13 -23.20 -13.09 9.32
CA LEU A 13 -23.65 -11.72 9.28
C LEU A 13 -23.93 -11.32 7.83
N SER A 14 -23.11 -11.79 6.88
CA SER A 14 -23.38 -11.40 5.51
C SER A 14 -24.65 -12.05 5.01
N THR A 15 -24.88 -13.29 5.43
CA THR A 15 -26.05 -14.04 4.98
C THR A 15 -27.33 -13.43 5.54
N ALA A 16 -27.30 -13.11 6.83
CA ALA A 16 -28.38 -12.36 7.50
C ALA A 16 -28.72 -11.07 6.74
N LEU A 17 -27.70 -10.30 6.37
CA LEU A 17 -27.90 -9.05 5.67
C LEU A 17 -28.53 -9.25 4.28
N CYS A 18 -28.06 -10.28 3.58
CA CYS A 18 -28.54 -10.58 2.21
C CYS A 18 -30.00 -11.05 2.22
N ILE A 19 -30.34 -11.96 3.14
CA ILE A 19 -31.74 -12.37 3.32
C ILE A 19 -32.58 -11.13 3.60
N HIS A 20 -32.15 -10.31 4.54
CA HIS A 20 -33.01 -9.22 5.02
C HIS A 20 -33.22 -8.16 3.94
N GLU A 21 -32.13 -7.74 3.30
CA GLU A 21 -32.17 -6.89 2.09
C GLU A 21 -33.10 -7.40 1.00
N ARG A 22 -33.03 -8.69 0.73
CA ARG A 22 -33.76 -9.20 -0.40
C ARG A 22 -35.26 -9.37 -0.07
N TYR A 23 -35.58 -9.69 1.17
CA TYR A 23 -36.94 -10.18 1.47
C TYR A 23 -37.77 -9.29 2.39
N HIS A 24 -37.16 -8.23 2.93
CA HIS A 24 -37.88 -7.42 3.91
C HIS A 24 -39.14 -6.80 3.27
N SER A 25 -39.03 -6.44 2.00
CA SER A 25 -40.10 -5.67 1.39
C SER A 25 -41.18 -6.57 0.79
N VAL A 26 -40.98 -7.88 0.82
CA VAL A 26 -41.99 -8.79 0.27
C VAL A 26 -42.66 -9.69 1.31
N LEU A 27 -42.07 -9.83 2.49
CA LEU A 27 -42.66 -10.62 3.57
C LEU A 27 -43.08 -9.67 4.68
N GLN A 28 -44.29 -9.73 5.21
CA GLN A 28 -44.62 -8.68 6.18
C GLN A 28 -43.95 -8.99 7.49
N PRO A 29 -44.39 -10.05 8.17
CA PRO A 29 -43.50 -10.26 9.28
C PRO A 29 -42.25 -10.92 8.71
N LEU A 30 -41.14 -10.20 8.68
CA LEU A 30 -39.84 -10.88 8.56
C LEU A 30 -39.03 -10.60 9.80
N ASP A 31 -38.83 -11.66 10.56
CA ASP A 31 -38.20 -11.61 11.83
C ASP A 31 -36.88 -12.36 11.67
N VAL A 32 -35.78 -11.63 11.56
CA VAL A 32 -34.47 -12.25 11.50
C VAL A 32 -33.70 -11.97 12.77
N LYS A 33 -33.15 -13.02 13.35
CA LYS A 33 -32.36 -12.88 14.56
C LYS A 33 -31.05 -13.58 14.31
N VAL A 34 -29.96 -13.04 14.89
CA VAL A 34 -28.68 -13.71 14.97
C VAL A 34 -28.41 -14.27 16.37
N TYR A 35 -28.14 -15.56 16.44
CA TYR A 35 -27.65 -16.18 17.65
C TYR A 35 -26.18 -16.54 17.48
N ALA A 36 -25.34 -16.21 18.46
CA ALA A 36 -23.97 -16.69 18.44
C ALA A 36 -23.35 -16.64 19.82
N ASP A 37 -22.32 -17.46 20.00
CA ASP A 37 -21.60 -17.54 21.25
C ASP A 37 -20.27 -16.82 21.20
N ARG A 38 -19.89 -16.34 20.03
CA ARG A 38 -18.75 -15.42 19.90
C ARG A 38 -19.10 -14.31 18.94
N PHE A 39 -18.75 -13.08 19.30
CA PHE A 39 -18.92 -11.93 18.41
C PHE A 39 -17.56 -11.27 18.21
N THR A 40 -17.40 -10.51 17.11
CA THR A 40 -16.17 -9.73 16.88
C THR A 40 -15.79 -8.97 18.15
N PRO A 41 -14.52 -8.96 18.53
CA PRO A 41 -13.33 -9.44 17.82
C PRO A 41 -12.99 -10.90 18.11
N PHE A 42 -13.94 -11.70 18.60
CA PHE A 42 -13.60 -13.05 19.04
C PHE A 42 -13.94 -14.20 18.09
N THR A 43 -14.15 -13.90 16.81
CA THR A 43 -14.45 -14.96 15.85
C THR A 43 -13.20 -15.29 15.04
N THR A 44 -13.25 -16.40 14.30
CA THR A 44 -12.20 -16.74 13.33
C THR A 44 -11.99 -15.63 12.34
N THR A 45 -13.11 -15.10 11.86
CA THR A 45 -13.12 -14.05 10.87
C THR A 45 -12.23 -12.88 11.30
N ASP A 46 -12.17 -12.64 12.58
CA ASP A 46 -11.39 -11.53 13.08
C ASP A 46 -9.88 -11.74 12.98
N VAL A 47 -9.47 -12.99 12.89
CA VAL A 47 -8.07 -13.34 12.84
C VAL A 47 -7.60 -13.37 11.40
N ALA A 48 -8.55 -13.34 10.46
CA ALA A 48 -8.23 -13.54 9.05
C ALA A 48 -7.25 -12.50 8.55
N ALA A 49 -6.44 -12.88 7.59
CA ALA A 49 -5.38 -12.02 7.14
C ALA A 49 -5.95 -10.80 6.42
N GLY A 50 -7.17 -10.91 5.84
CA GLY A 50 -7.79 -9.81 5.09
C GLY A 50 -7.98 -9.96 3.55
N LEU A 51 -7.16 -10.75 2.88
CA LEU A 51 -6.98 -10.62 1.44
C LEU A 51 -8.01 -11.38 0.61
N TRP A 52 -8.53 -10.74 -0.42
CA TRP A 52 -9.28 -11.47 -1.44
C TRP A 52 -8.27 -12.22 -2.30
N GLN A 53 -8.27 -13.55 -2.17
CA GLN A 53 -7.52 -14.45 -3.04
C GLN A 53 -7.89 -15.88 -2.71
N PRO A 54 -8.49 -16.57 -3.68
CA PRO A 54 -8.84 -18.00 -3.56
C PRO A 54 -7.58 -18.86 -3.52
N TYR A 55 -7.75 -20.12 -3.20
CA TYR A 55 -6.66 -21.08 -3.34
C TYR A 55 -6.13 -21.09 -4.77
N THR A 56 -4.92 -21.60 -4.92
CA THR A 56 -4.28 -21.60 -6.24
C THR A 56 -4.83 -22.69 -7.15
N SER A 57 -5.38 -23.75 -6.56
CA SER A 57 -5.96 -24.87 -7.35
C SER A 57 -7.44 -24.65 -7.53
N GLU A 58 -8.01 -25.27 -8.55
CA GLU A 58 -9.43 -25.12 -8.78
C GLU A 58 -10.24 -25.88 -7.73
N PRO A 59 -11.41 -25.34 -7.35
CA PRO A 59 -12.23 -25.99 -6.30
C PRO A 59 -12.92 -27.22 -6.84
N SER A 60 -13.16 -28.21 -5.98
CA SER A 60 -13.98 -29.43 -6.29
C SER A 60 -15.38 -29.09 -6.77
N ASN A 61 -16.00 -28.13 -6.10
CA ASN A 61 -17.24 -27.52 -6.55
C ASN A 61 -17.01 -26.26 -7.38
N PRO A 62 -17.20 -26.35 -8.72
CA PRO A 62 -16.99 -25.18 -9.56
C PRO A 62 -17.86 -23.95 -9.23
N GLN A 63 -19.00 -24.17 -8.58
CA GLN A 63 -19.85 -23.06 -8.14
C GLN A 63 -19.04 -22.09 -7.31
N GLU A 64 -18.03 -22.58 -6.62
CA GLU A 64 -17.24 -21.73 -5.72
C GLU A 64 -16.50 -20.66 -6.51
N ALA A 65 -16.20 -20.93 -7.78
CA ALA A 65 -15.49 -19.95 -8.57
C ALA A 65 -16.42 -18.80 -8.94
N ASN A 66 -17.67 -19.10 -9.27
CA ASN A 66 -18.69 -18.07 -9.44
C ASN A 66 -18.86 -17.27 -8.15
N TRP A 67 -18.88 -17.95 -7.01
CA TRP A 67 -19.13 -17.26 -5.72
C TRP A 67 -17.99 -16.31 -5.35
N ASN A 68 -16.75 -16.74 -5.60
CA ASN A 68 -15.63 -15.86 -5.49
C ASN A 68 -15.72 -14.66 -6.43
N GLN A 69 -16.07 -14.89 -7.69
CA GLN A 69 -16.16 -13.81 -8.65
C GLN A 69 -17.22 -12.81 -8.25
N GLN A 70 -18.35 -13.33 -7.82
CA GLN A 70 -19.46 -12.48 -7.42
C GLN A 70 -19.04 -11.61 -6.23
N THR A 71 -18.25 -12.18 -5.32
CA THR A 71 -17.77 -11.42 -4.20
C THR A 71 -16.80 -10.32 -4.62
N PHE A 72 -15.85 -10.64 -5.48
CA PHE A 72 -14.94 -9.61 -5.94
C PHE A 72 -15.66 -8.46 -6.60
N ASN A 73 -16.62 -8.76 -7.48
CA ASN A 73 -17.32 -7.74 -8.25
C ASN A 73 -18.13 -6.87 -7.30
N TYR A 74 -18.74 -7.50 -6.31
CA TYR A 74 -19.49 -6.79 -5.29
C TYR A 74 -18.62 -5.80 -4.50
N LEU A 75 -17.49 -6.28 -4.01
CA LEU A 75 -16.61 -5.45 -3.19
C LEU A 75 -16.04 -4.33 -4.06
N LEU A 76 -15.65 -4.69 -5.29
CA LEU A 76 -15.01 -3.79 -6.24
C LEU A 76 -15.96 -2.65 -6.52
N SER A 77 -17.26 -2.97 -6.60
CA SER A 77 -18.28 -1.99 -6.89
C SER A 77 -18.34 -0.90 -5.83
N HIS A 78 -17.82 -1.18 -4.62
CA HIS A 78 -17.80 -0.21 -3.52
C HIS A 78 -16.57 0.70 -3.55
N ILE A 79 -15.59 0.38 -4.39
CA ILE A 79 -14.41 1.23 -4.51
C ILE A 79 -14.74 2.53 -5.26
N GLY A 80 -14.48 3.65 -4.57
CA GLY A 80 -14.93 4.94 -5.03
C GLY A 80 -16.05 5.47 -4.18
N SER A 81 -16.67 4.59 -3.37
CA SER A 81 -17.60 4.97 -2.32
C SER A 81 -16.97 5.58 -1.06
N PRO A 82 -17.67 6.54 -0.44
CA PRO A 82 -17.16 7.17 0.78
C PRO A 82 -16.92 6.22 1.92
N ASN A 83 -17.68 5.14 1.98
CA ASN A 83 -17.58 4.20 3.11
C ASN A 83 -16.80 2.91 2.86
N ALA A 84 -16.09 2.82 1.74
CA ALA A 84 -15.34 1.58 1.49
C ALA A 84 -14.47 1.21 2.70
N ALA A 85 -13.65 2.15 3.17
CA ALA A 85 -12.71 1.85 4.23
C ALA A 85 -13.37 1.50 5.55
N ASN A 86 -14.48 2.16 5.83
CA ASN A 86 -15.28 1.83 7.00
C ASN A 86 -15.87 0.43 6.92
N MET A 87 -15.99 -0.11 5.71
CA MET A 87 -16.47 -1.46 5.59
C MET A 87 -15.32 -2.44 5.81
N GLY A 88 -14.10 -1.93 5.89
CA GLY A 88 -12.90 -2.77 5.97
C GLY A 88 -12.21 -3.03 4.64
N LEU A 89 -12.61 -2.32 3.60
CA LEU A 89 -12.28 -2.63 2.21
C LEU A 89 -11.32 -1.58 1.68
N THR A 90 -10.19 -1.98 1.06
CA THR A 90 -9.38 -1.06 0.31
C THR A 90 -8.55 -1.83 -0.74
N PRO A 91 -8.20 -1.18 -1.86
CA PRO A 91 -7.43 -1.97 -2.83
C PRO A 91 -6.00 -2.18 -2.33
N VAL A 92 -5.37 -3.25 -2.81
CA VAL A 92 -4.00 -3.53 -2.43
C VAL A 92 -3.38 -4.33 -3.57
N SER A 93 -2.11 -4.07 -3.85
CA SER A 93 -1.42 -4.72 -4.93
C SER A 93 -0.41 -5.67 -4.28
N GLY A 94 0.01 -6.69 -5.01
CA GLY A 94 1.05 -7.57 -4.48
C GLY A 94 1.50 -8.77 -5.28
N TYR A 95 2.27 -9.62 -4.61
CA TYR A 95 3.16 -10.61 -5.24
C TYR A 95 2.80 -12.02 -4.76
N ASN A 96 2.74 -12.96 -5.69
CA ASN A 96 2.65 -14.36 -5.39
C ASN A 96 3.91 -15.05 -5.95
N LEU A 97 4.63 -15.73 -5.07
CA LEU A 97 6.01 -16.14 -5.34
C LEU A 97 6.17 -17.65 -5.24
N PHE A 98 6.81 -18.23 -6.28
CA PHE A 98 6.99 -19.67 -6.40
C PHE A 98 8.45 -19.99 -6.72
N ARG A 99 8.88 -21.22 -6.40
CA ARG A 99 10.27 -21.65 -6.67
C ARG A 99 10.37 -22.42 -7.99
N GLU A 100 9.28 -22.46 -8.73
CA GLU A 100 9.26 -23.05 -10.05
C GLU A 100 8.05 -22.57 -10.80
N ALA A 101 8.05 -22.76 -12.11
CA ALA A 101 6.92 -22.39 -12.93
C ALA A 101 5.63 -23.13 -12.54
N VAL A 102 4.52 -22.39 -12.52
CA VAL A 102 3.23 -22.98 -12.23
C VAL A 102 2.18 -22.44 -13.18
N PRO A 103 1.08 -23.19 -13.35
CA PRO A 103 0.00 -22.65 -14.19
C PRO A 103 -0.66 -21.40 -13.63
N ASP A 104 -1.25 -20.60 -14.51
CA ASP A 104 -2.02 -19.43 -14.07
C ASP A 104 -3.19 -19.91 -13.22
N PRO A 105 -3.60 -19.09 -12.25
CA PRO A 105 -4.74 -19.51 -11.45
C PRO A 105 -6.03 -19.27 -12.18
N TYR A 106 -7.07 -19.99 -11.78
CA TYR A 106 -8.36 -19.87 -12.45
C TYR A 106 -8.94 -18.49 -12.23
N TRP A 107 -8.46 -17.78 -11.21
CA TRP A 107 -8.97 -16.49 -10.85
C TRP A 107 -8.21 -15.31 -11.44
N LYS A 108 -7.29 -15.59 -12.36
CA LYS A 108 -6.43 -14.55 -12.90
C LYS A 108 -7.14 -13.38 -13.55
N ASP A 109 -8.34 -13.58 -14.07
CA ASP A 109 -9.06 -12.49 -14.69
C ASP A 109 -10.05 -11.84 -13.71
N MET A 110 -10.23 -12.46 -12.55
CA MET A 110 -11.06 -11.87 -11.51
C MET A 110 -10.37 -10.68 -10.84
N VAL A 111 -9.10 -10.86 -10.54
CA VAL A 111 -8.31 -9.75 -9.95
C VAL A 111 -7.98 -8.71 -11.02
N LEU A 112 -7.30 -7.63 -10.61
CA LEU A 112 -7.00 -6.53 -11.53
C LEU A 112 -5.53 -6.66 -11.97
N GLY A 113 -5.30 -6.63 -13.27
CA GLY A 113 -3.96 -6.39 -13.76
C GLY A 113 -3.01 -7.53 -13.49
N PHE A 114 -3.55 -8.73 -13.53
CA PHE A 114 -2.74 -9.92 -13.38
C PHE A 114 -1.66 -10.01 -14.47
N ARG A 115 -0.46 -10.35 -14.07
CA ARG A 115 0.64 -10.71 -15.01
C ARG A 115 1.72 -11.49 -14.28
N LYS A 116 2.68 -12.06 -15.04
CA LYS A 116 3.88 -12.66 -14.47
C LYS A 116 4.90 -11.62 -14.05
N LEU A 117 5.68 -11.96 -13.05
CA LEU A 117 6.74 -11.10 -12.55
C LEU A 117 7.88 -11.09 -13.58
N THR A 118 8.49 -9.93 -13.78
CA THR A 118 9.67 -9.79 -14.65
C THR A 118 10.94 -10.01 -13.83
N PRO A 119 12.09 -10.17 -14.49
CA PRO A 119 13.26 -10.53 -13.71
C PRO A 119 13.66 -9.47 -12.70
N ARG A 120 13.52 -8.19 -13.00
CA ARG A 120 13.83 -7.17 -11.99
C ARG A 120 12.94 -7.26 -10.76
N GLU A 121 11.67 -7.57 -10.96
CA GLU A 121 10.76 -7.74 -9.83
C GLU A 121 11.20 -8.93 -8.98
N LEU A 122 11.56 -10.02 -9.65
CA LEU A 122 12.03 -11.22 -8.95
C LEU A 122 13.32 -10.98 -8.19
N ASP A 123 14.11 -10.02 -8.66
CA ASP A 123 15.29 -9.57 -7.93
C ASP A 123 14.96 -8.97 -6.56
N MET A 124 13.72 -8.50 -6.36
CA MET A 124 13.29 -8.09 -5.02
C MET A 124 13.11 -9.26 -4.06
N PHE A 125 12.93 -10.46 -4.61
CA PHE A 125 12.63 -11.65 -3.79
C PHE A 125 13.54 -12.82 -4.18
N PRO A 126 14.78 -12.75 -3.72
CA PRO A 126 15.81 -13.67 -4.24
C PRO A 126 15.51 -15.17 -4.09
N ASP A 127 14.77 -15.58 -3.08
CA ASP A 127 14.53 -17.04 -2.93
C ASP A 127 13.57 -17.68 -3.96
N TYR A 128 13.13 -16.92 -4.97
CA TYR A 128 11.99 -17.32 -5.81
C TYR A 128 12.36 -17.05 -7.26
N ARG A 129 11.74 -17.81 -8.16
CA ARG A 129 12.12 -17.83 -9.58
C ARG A 129 10.95 -17.57 -10.49
N TYR A 130 9.74 -17.51 -9.93
CA TYR A 130 8.58 -17.37 -10.78
C TYR A 130 7.48 -16.72 -9.92
N GLY A 131 6.64 -15.91 -10.52
CA GLY A 131 5.48 -15.43 -9.77
C GLY A 131 4.55 -14.55 -10.55
N TRP A 132 3.58 -14.03 -9.80
CA TRP A 132 2.52 -13.19 -10.29
C TRP A 132 2.53 -11.84 -9.59
N PHE A 133 2.05 -10.83 -10.31
CA PHE A 133 1.62 -9.57 -9.74
C PHE A 133 0.13 -9.40 -9.97
N ASN A 134 -0.59 -8.84 -9.00
CA ASN A 134 -1.93 -8.38 -9.29
C ASN A 134 -2.39 -7.38 -8.24
N THR A 135 -3.43 -6.63 -8.57
CA THR A 135 -4.15 -5.83 -7.60
C THR A 135 -5.38 -6.59 -7.14
N SER A 136 -5.62 -6.57 -5.84
CA SER A 136 -6.85 -7.19 -5.33
C SER A 136 -7.39 -6.24 -4.26
N LEU A 137 -8.10 -6.81 -3.31
CA LEU A 137 -8.72 -6.04 -2.24
C LEU A 137 -8.44 -6.65 -0.89
N ILE A 138 -8.18 -5.78 0.09
CA ILE A 138 -8.23 -6.11 1.51
C ILE A 138 -9.69 -6.02 1.96
N LEU A 139 -10.16 -7.01 2.72
CA LEU A 139 -11.47 -6.92 3.39
C LEU A 139 -11.21 -7.38 4.80
N GLU A 140 -10.94 -6.43 5.68
CA GLU A 140 -10.48 -6.77 7.00
C GLU A 140 -11.64 -7.28 7.87
N GLY A 141 -11.49 -8.50 8.36
CA GLY A 141 -12.56 -9.23 9.02
C GLY A 141 -13.16 -8.47 10.16
N ARG A 142 -12.32 -8.04 11.09
CA ARG A 142 -12.76 -7.22 12.23
C ARG A 142 -13.61 -5.99 11.83
N LYS A 143 -13.08 -5.22 10.91
CA LYS A 143 -13.74 -4.02 10.47
C LYS A 143 -15.07 -4.37 9.76
N TYR A 144 -15.06 -5.39 8.92
CA TYR A 144 -16.25 -5.76 8.15
C TYR A 144 -17.36 -6.27 9.05
N LEU A 145 -16.99 -7.07 10.05
CA LEU A 145 -17.98 -7.52 11.03
C LEU A 145 -18.62 -6.34 11.79
N GLN A 146 -17.82 -5.37 12.21
CA GLN A 146 -18.36 -4.16 12.84
C GLN A 146 -19.37 -3.46 11.93
N TRP A 147 -18.99 -3.24 10.68
CA TRP A 147 -19.88 -2.62 9.66
C TRP A 147 -21.19 -3.42 9.48
N LEU A 148 -21.06 -4.73 9.27
CA LEU A 148 -22.25 -5.56 9.08
C LEU A 148 -23.17 -5.53 10.30
N THR A 149 -22.60 -5.57 11.50
CA THR A 149 -23.46 -5.48 12.67
C THR A 149 -24.19 -4.15 12.83
N GLU A 150 -23.55 -3.05 12.50
CA GLU A 150 -24.24 -1.73 12.43
C GLU A 150 -25.34 -1.72 11.38
N ARG A 151 -25.03 -2.23 10.19
CA ARG A 151 -26.00 -2.32 9.11
C ARG A 151 -27.22 -3.19 9.49
N LEU A 152 -26.96 -4.37 10.04
CA LEU A 152 -28.00 -5.27 10.53
C LEU A 152 -28.82 -4.56 11.62
N THR A 153 -28.14 -4.01 12.60
CA THR A 153 -28.84 -3.33 13.73
C THR A 153 -29.76 -2.23 13.20
N GLU A 154 -29.27 -1.43 12.26
CA GLU A 154 -30.05 -0.36 11.67
C GLU A 154 -31.31 -0.88 11.02
N ARG A 155 -31.26 -2.07 10.44
CA ARG A 155 -32.42 -2.67 9.79
C ARG A 155 -33.32 -3.42 10.81
N GLY A 156 -33.00 -3.32 12.10
CA GLY A 156 -33.79 -3.96 13.12
C GLY A 156 -33.56 -5.46 13.30
N VAL A 157 -32.47 -6.00 12.78
CA VAL A 157 -32.14 -7.38 13.05
C VAL A 157 -31.52 -7.42 14.43
N LYS A 158 -32.05 -8.27 15.30
CA LYS A 158 -31.54 -8.38 16.66
C LYS A 158 -30.57 -9.53 16.90
N PHE A 159 -29.58 -9.26 17.74
CA PHE A 159 -28.49 -10.17 18.08
C PHE A 159 -28.70 -10.70 19.48
N PHE A 160 -28.41 -11.99 19.69
CA PHE A 160 -28.51 -12.65 20.98
C PHE A 160 -27.26 -13.46 21.29
N LEU A 161 -26.73 -13.32 22.49
CA LEU A 161 -25.64 -14.20 22.97
C LEU A 161 -26.24 -15.53 23.37
N ARG A 162 -25.93 -16.60 22.66
CA ARG A 162 -26.58 -17.89 22.88
C ARG A 162 -25.65 -18.98 22.41
N LYS A 163 -25.39 -20.00 23.21
CA LYS A 163 -24.71 -21.19 22.71
C LYS A 163 -25.79 -22.18 22.33
N VAL A 164 -25.99 -22.37 21.02
CA VAL A 164 -27.00 -23.30 20.52
C VAL A 164 -26.53 -24.72 20.68
N GLU A 165 -27.37 -25.54 21.29
CA GLU A 165 -27.02 -26.91 21.60
C GLU A 165 -27.61 -27.87 20.58
N SER A 166 -28.70 -27.48 19.93
CA SER A 166 -29.32 -28.30 18.87
C SER A 166 -30.17 -27.44 17.96
N PHE A 167 -30.34 -27.90 16.71
CA PHE A 167 -31.35 -27.32 15.84
C PHE A 167 -32.74 -27.48 16.46
N GLU A 168 -32.99 -28.64 17.06
CA GLU A 168 -34.29 -28.91 17.70
C GLU A 168 -34.70 -27.77 18.65
N GLU A 169 -33.79 -27.33 19.51
CA GLU A 169 -34.17 -26.35 20.49
C GLU A 169 -34.51 -25.01 19.81
N VAL A 170 -33.88 -24.72 18.68
CA VAL A 170 -34.17 -23.48 17.95
C VAL A 170 -35.50 -23.59 17.21
N ALA A 171 -35.76 -24.77 16.69
CA ALA A 171 -37.01 -25.03 15.98
C ALA A 171 -38.13 -24.94 17.02
N ARG A 172 -37.95 -25.55 18.18
CA ARG A 172 -38.99 -25.50 19.22
C ARG A 172 -39.23 -24.08 19.76
N GLY A 173 -38.22 -23.23 19.76
CA GLY A 173 -38.40 -21.82 20.03
C GLY A 173 -39.16 -21.03 18.98
N GLY A 174 -39.47 -21.64 17.84
CA GLY A 174 -40.41 -21.02 16.90
C GLY A 174 -39.84 -20.60 15.54
N ALA A 175 -38.57 -20.88 15.29
CA ALA A 175 -37.97 -20.54 13.99
C ALA A 175 -38.56 -21.40 12.90
N ASP A 176 -38.98 -20.76 11.82
CA ASP A 176 -39.40 -21.40 10.58
C ASP A 176 -38.20 -21.87 9.80
N VAL A 177 -37.13 -21.07 9.84
CA VAL A 177 -35.93 -21.33 9.02
C VAL A 177 -34.73 -21.05 9.88
N ILE A 178 -33.76 -21.97 9.85
CA ILE A 178 -32.49 -21.81 10.57
C ILE A 178 -31.39 -21.71 9.48
N ILE A 179 -30.54 -20.70 9.55
CA ILE A 179 -29.38 -20.60 8.67
C ILE A 179 -28.16 -20.93 9.49
N ASN A 180 -27.53 -22.04 9.16
CA ASN A 180 -26.47 -22.60 9.99
C ASN A 180 -25.11 -22.09 9.51
N CYS A 181 -24.59 -21.08 10.19
CA CYS A 181 -23.31 -20.45 9.83
C CYS A 181 -22.25 -20.54 10.93
N THR A 182 -22.00 -21.78 11.35
CA THR A 182 -21.31 -22.09 12.59
C THR A 182 -19.84 -22.43 12.37
N GLY A 183 -19.38 -22.20 11.13
CA GLY A 183 -17.94 -22.36 10.83
C GLY A 183 -17.45 -23.72 11.22
N VAL A 184 -16.25 -23.74 11.80
CA VAL A 184 -15.60 -25.03 12.03
C VAL A 184 -16.27 -25.88 13.10
N TRP A 185 -17.19 -25.29 13.87
CA TRP A 185 -17.87 -26.01 14.93
C TRP A 185 -19.22 -26.61 14.52
N ALA A 186 -19.54 -26.54 13.23
CA ALA A 186 -20.83 -27.02 12.74
C ALA A 186 -21.13 -28.46 13.17
N GLY A 187 -20.08 -29.29 13.26
CA GLY A 187 -20.22 -30.72 13.57
C GLY A 187 -20.84 -31.00 14.94
N VAL A 188 -20.71 -30.03 15.83
CA VAL A 188 -21.43 -30.09 17.09
C VAL A 188 -22.94 -30.24 16.92
N LEU A 189 -23.52 -29.56 15.93
CA LEU A 189 -24.98 -29.58 15.75
C LEU A 189 -25.46 -30.71 14.84
N GLN A 190 -24.55 -31.22 14.04
CA GLN A 190 -24.85 -32.36 13.19
C GLN A 190 -23.50 -32.87 12.70
N PRO A 191 -23.19 -34.13 12.97
CA PRO A 191 -21.87 -34.58 12.63
C PRO A 191 -21.55 -34.40 11.15
N ASP A 192 -20.33 -33.93 10.88
CA ASP A 192 -19.86 -33.79 9.52
C ASP A 192 -18.37 -34.09 9.53
N PRO A 193 -18.02 -35.34 9.24
CA PRO A 193 -16.60 -35.72 9.28
C PRO A 193 -15.73 -35.06 8.18
N LEU A 194 -16.33 -34.50 7.15
CA LEU A 194 -15.61 -33.78 6.11
C LEU A 194 -15.05 -32.46 6.62
N LEU A 195 -15.64 -31.93 7.68
CA LEU A 195 -15.22 -30.65 8.25
C LEU A 195 -14.11 -30.82 9.26
N GLN A 196 -12.99 -30.12 9.05
CA GLN A 196 -11.83 -30.23 9.91
C GLN A 196 -11.28 -28.85 10.17
N PRO A 197 -10.60 -28.68 11.32
CA PRO A 197 -9.96 -27.41 11.55
C PRO A 197 -8.70 -27.20 10.73
N GLY A 198 -8.53 -26.00 10.20
CA GLY A 198 -7.27 -25.60 9.61
C GLY A 198 -6.66 -24.55 10.49
N ARG A 199 -5.75 -25.00 11.36
CA ARG A 199 -5.17 -24.15 12.38
C ARG A 199 -4.16 -23.23 11.70
N GLY A 200 -4.46 -21.94 11.75
CA GLY A 200 -3.55 -20.89 11.28
C GLY A 200 -3.11 -20.03 12.44
N GLN A 201 -1.80 -19.84 12.56
CA GLN A 201 -1.28 -18.89 13.50
C GLN A 201 -0.72 -17.69 12.73
N ILE A 202 -0.85 -16.51 13.33
CA ILE A 202 -0.33 -15.26 12.81
C ILE A 202 0.36 -14.39 13.88
N ILE A 203 1.29 -13.57 13.40
CA ILE A 203 1.88 -12.46 14.15
C ILE A 203 1.40 -11.16 13.50
N LYS A 204 0.73 -10.31 14.27
CA LYS A 204 0.43 -8.96 13.83
C LYS A 204 1.52 -7.99 14.29
N VAL A 205 1.98 -7.14 13.35
CA VAL A 205 3.06 -6.18 13.59
C VAL A 205 2.68 -4.81 13.06
N ASP A 206 3.28 -3.80 13.68
CA ASP A 206 3.26 -2.45 13.18
C ASP A 206 4.41 -2.29 12.20
N ALA A 207 4.12 -2.28 10.90
CA ALA A 207 5.14 -2.04 9.90
C ALA A 207 4.48 -1.27 8.76
N PRO A 208 4.10 -0.01 9.03
CA PRO A 208 3.22 0.68 8.08
C PRO A 208 3.86 1.05 6.77
N TRP A 209 5.18 0.95 6.66
CA TRP A 209 5.84 1.10 5.38
C TRP A 209 5.49 0.06 4.32
N LEU A 210 5.00 -1.10 4.73
CA LEU A 210 4.75 -2.19 3.78
C LEU A 210 3.41 -1.95 3.11
N LYS A 211 3.41 -1.79 1.80
CA LYS A 211 2.18 -1.42 1.09
C LYS A 211 1.57 -2.57 0.26
N ASN A 212 2.32 -3.66 0.07
CA ASN A 212 1.95 -4.74 -0.84
C ASN A 212 1.80 -6.06 -0.10
N PHE A 213 0.91 -6.92 -0.56
CA PHE A 213 0.89 -8.28 -0.05
C PHE A 213 2.02 -9.05 -0.72
N ILE A 214 2.60 -9.97 0.04
CA ILE A 214 3.61 -10.87 -0.43
C ILE A 214 3.32 -12.30 0.04
N ILE A 215 2.94 -13.16 -0.89
CA ILE A 215 2.60 -14.52 -0.55
C ILE A 215 3.51 -15.51 -1.27
N THR A 216 4.24 -16.29 -0.49
CA THR A 216 5.08 -17.33 -1.05
C THR A 216 4.33 -18.65 -1.00
N HIS A 217 4.75 -19.60 -1.85
CA HIS A 217 4.11 -20.89 -1.93
C HIS A 217 5.15 -22.01 -1.92
N ASP A 218 4.81 -23.09 -1.25
CA ASP A 218 5.63 -24.29 -1.24
C ASP A 218 4.71 -25.43 -1.67
N LEU A 219 4.88 -25.84 -2.93
CA LEU A 219 3.94 -26.72 -3.57
C LEU A 219 3.85 -28.05 -2.80
N GLU A 220 4.90 -28.37 -2.06
CA GLU A 220 4.94 -29.63 -1.34
C GLU A 220 4.33 -29.57 0.05
N ARG A 221 4.08 -28.39 0.56
CA ARG A 221 3.72 -28.30 1.97
C ARG A 221 2.27 -27.90 2.17
N GLY A 222 1.52 -27.73 1.08
CA GLY A 222 0.08 -27.37 1.19
C GLY A 222 -0.12 -25.88 1.39
N ILE A 223 -1.33 -25.40 1.11
CA ILE A 223 -1.52 -23.97 0.88
C ILE A 223 -1.35 -23.24 2.24
N TYR A 224 -0.64 -22.11 2.18
CA TYR A 224 -0.31 -21.25 3.33
C TYR A 224 0.61 -21.84 4.39
N ASN A 225 1.30 -22.92 4.05
CA ASN A 225 2.43 -23.38 4.85
C ASN A 225 3.74 -22.87 4.27
N SER A 226 3.74 -21.55 4.08
CA SER A 226 4.87 -20.85 3.50
C SER A 226 4.68 -19.39 3.86
N PRO A 227 5.77 -18.63 4.01
CA PRO A 227 5.66 -17.27 4.54
C PRO A 227 4.70 -16.40 3.71
N LEU A 228 3.92 -15.59 4.41
CA LEU A 228 3.01 -14.60 3.80
C LEU A 228 2.92 -13.33 4.63
N ILE A 229 2.78 -12.22 3.94
CA ILE A 229 2.79 -10.89 4.53
C ILE A 229 1.64 -10.12 3.91
N ILE A 230 0.70 -9.69 4.74
CA ILE A 230 -0.49 -9.03 4.23
C ILE A 230 -0.78 -7.75 4.99
N PRO A 231 -0.55 -6.61 4.32
CA PRO A 231 -0.76 -5.31 4.97
C PRO A 231 -2.24 -5.10 5.19
N GLY A 232 -2.61 -4.82 6.44
CA GLY A 232 -4.00 -4.57 6.75
C GLY A 232 -4.27 -3.08 6.84
N LEU A 233 -5.44 -2.71 7.34
CA LEU A 233 -5.79 -1.30 7.39
C LEU A 233 -4.87 -0.56 8.38
N GLN A 234 -4.54 -1.21 9.49
CA GLN A 234 -3.82 -0.57 10.60
C GLN A 234 -2.58 -1.33 11.04
N ALA A 235 -2.39 -2.54 10.53
CA ALA A 235 -1.25 -3.34 10.98
C ALA A 235 -1.01 -4.34 9.89
N VAL A 236 0.03 -5.15 10.04
CA VAL A 236 0.43 -6.12 9.03
C VAL A 236 0.28 -7.53 9.57
N THR A 237 -0.30 -8.45 8.78
CA THR A 237 -0.38 -9.83 9.19
C THR A 237 0.81 -10.61 8.64
N LEU A 238 1.52 -11.30 9.52
CA LEU A 238 2.55 -12.27 9.14
C LEU A 238 1.97 -13.63 9.39
N GLY A 239 2.02 -14.49 8.38
CA GLY A 239 1.56 -15.84 8.51
C GLY A 239 2.54 -16.87 7.93
N GLY A 240 2.06 -18.11 7.85
CA GLY A 240 2.87 -19.20 7.32
C GLY A 240 2.58 -20.59 7.85
N THR A 241 1.52 -20.74 8.64
CA THR A 241 1.01 -22.07 8.99
C THR A 241 -0.46 -22.19 8.72
N PHE A 242 -0.82 -23.38 8.25
CA PHE A 242 -2.21 -23.71 8.02
C PHE A 242 -2.33 -25.22 8.07
N GLN A 243 -2.53 -25.72 9.29
CA GLN A 243 -2.34 -27.14 9.58
C GLN A 243 -3.67 -27.85 9.81
N VAL A 244 -4.06 -28.73 8.89
CA VAL A 244 -5.40 -29.32 9.03
C VAL A 244 -5.45 -30.46 10.05
N GLY A 245 -6.50 -30.47 10.85
CA GLY A 245 -6.72 -31.52 11.84
C GLY A 245 -6.21 -31.18 13.23
N ASN A 246 -5.57 -30.02 13.38
CA ASN A 246 -5.08 -29.60 14.70
C ASN A 246 -6.02 -28.63 15.41
N TRP A 247 -6.49 -29.01 16.60
CA TRP A 247 -7.55 -28.29 17.31
C TRP A 247 -6.98 -27.44 18.42
N ASN A 248 -5.66 -27.35 18.53
CA ASN A 248 -5.03 -26.61 19.62
C ASN A 248 -5.20 -25.09 19.52
N GLU A 249 -5.90 -24.47 20.46
CA GLU A 249 -6.30 -23.06 20.27
C GLU A 249 -5.28 -22.04 20.79
N ILE A 250 -4.22 -22.52 21.43
CA ILE A 250 -3.17 -21.66 22.00
C ILE A 250 -2.03 -21.48 21.00
N ASN A 251 -1.44 -20.28 21.00
CA ASN A 251 -0.23 -19.98 20.23
C ASN A 251 0.87 -20.92 20.66
N ASN A 252 1.69 -21.41 19.75
CA ASN A 252 2.92 -22.09 20.17
C ASN A 252 4.18 -21.51 19.54
N ILE A 253 5.30 -21.85 20.17
CA ILE A 253 6.54 -21.15 19.96
C ILE A 253 7.15 -21.57 18.63
N GLN A 254 6.99 -22.84 18.27
CA GLN A 254 7.58 -23.32 17.02
C GLN A 254 6.95 -22.64 15.79
N ASP A 255 5.62 -22.57 15.76
CA ASP A 255 4.94 -21.79 14.73
C ASP A 255 5.30 -20.29 14.76
N HIS A 256 5.40 -19.69 15.95
CA HIS A 256 5.85 -18.29 16.08
C HIS A 256 7.17 -18.10 15.36
N ASN A 257 8.11 -18.98 15.62
CA ASN A 257 9.45 -18.86 15.06
C ASN A 257 9.45 -19.11 13.56
N THR A 258 8.67 -20.10 13.12
CA THR A 258 8.55 -20.40 11.70
C THR A 258 8.10 -19.16 10.93
N ILE A 259 7.07 -18.48 11.47
CA ILE A 259 6.46 -17.30 10.83
C ILE A 259 7.41 -16.10 10.86
N TRP A 260 7.87 -15.75 12.07
CA TRP A 260 8.83 -14.65 12.21
C TRP A 260 10.04 -14.85 11.31
N GLU A 261 10.65 -16.02 11.39
CA GLU A 261 11.96 -16.19 10.76
C GLU A 261 11.74 -16.25 9.25
N GLY A 262 10.72 -16.99 8.83
CA GLY A 262 10.36 -17.08 7.42
C GLY A 262 10.02 -15.72 6.82
N CYS A 263 9.25 -14.93 7.55
CA CYS A 263 8.80 -13.64 7.02
C CYS A 263 9.92 -12.60 7.10
N CYS A 264 10.75 -12.65 8.14
CA CYS A 264 11.93 -11.75 8.22
C CYS A 264 12.93 -12.09 7.06
N ARG A 265 12.98 -13.32 6.61
CA ARG A 265 13.83 -13.65 5.43
C ARG A 265 13.24 -13.14 4.11
N LEU A 266 11.91 -13.16 4.03
CA LEU A 266 11.17 -12.60 2.88
C LEU A 266 11.26 -11.10 2.83
N GLU A 267 11.10 -10.48 3.98
CA GLU A 267 10.97 -9.04 4.08
C GLU A 267 11.83 -8.57 5.23
N PRO A 268 13.13 -8.38 4.96
CA PRO A 268 14.08 -8.11 6.04
C PRO A 268 13.91 -6.79 6.77
N THR A 269 13.14 -5.84 6.22
CA THR A 269 12.83 -4.61 6.95
C THR A 269 11.96 -4.87 8.18
N LEU A 270 11.47 -6.09 8.32
CA LEU A 270 10.68 -6.44 9.48
C LEU A 270 11.51 -6.45 10.79
N LYS A 271 12.83 -6.48 10.69
CA LYS A 271 13.65 -6.37 11.88
C LYS A 271 13.19 -5.21 12.80
N ASP A 272 12.64 -4.13 12.23
CA ASP A 272 12.22 -2.98 13.05
C ASP A 272 10.71 -2.93 13.35
N ALA A 273 9.98 -3.96 12.92
CA ALA A 273 8.56 -3.96 13.12
C ALA A 273 8.30 -4.20 14.60
N LYS A 274 7.32 -3.52 15.18
CA LYS A 274 6.89 -3.85 16.52
C LYS A 274 5.80 -4.92 16.52
N ILE A 275 5.97 -5.97 17.31
CA ILE A 275 4.93 -6.99 17.45
C ILE A 275 3.76 -6.47 18.32
N VAL A 276 2.55 -6.63 17.81
CA VAL A 276 1.36 -6.01 18.40
C VAL A 276 0.37 -7.06 18.89
N GLY A 277 0.50 -8.29 18.41
CA GLY A 277 -0.37 -9.38 18.80
C GLY A 277 0.03 -10.70 18.13
N GLU A 278 -0.31 -11.81 18.76
CA GLU A 278 -0.16 -13.08 18.10
C GLU A 278 -1.45 -13.89 18.26
N TYR A 279 -1.92 -14.56 17.20
CA TYR A 279 -3.27 -15.16 17.26
C TYR A 279 -3.32 -16.49 16.55
N THR A 280 -4.27 -17.34 16.98
CA THR A 280 -4.54 -18.63 16.32
C THR A 280 -6.00 -18.74 16.00
N GLY A 281 -6.33 -19.26 14.83
CA GLY A 281 -7.73 -19.38 14.46
C GLY A 281 -7.88 -20.64 13.67
N PHE A 282 -9.12 -21.09 13.50
CA PHE A 282 -9.37 -22.38 12.87
C PHE A 282 -10.22 -22.19 11.62
N GLY A 283 -9.59 -22.22 10.47
CA GLY A 283 -10.34 -22.26 9.21
C GLY A 283 -11.24 -23.46 9.12
N PRO A 284 -12.47 -23.28 8.61
CA PRO A 284 -13.36 -24.44 8.53
C PRO A 284 -13.11 -25.20 7.26
N VAL A 285 -12.09 -26.08 7.30
CA VAL A 285 -11.64 -26.78 6.11
C VAL A 285 -12.60 -27.92 5.76
N ARG A 286 -13.00 -27.94 4.48
CA ARG A 286 -13.86 -28.97 3.93
C ARG A 286 -13.49 -29.12 2.44
N PRO A 287 -13.62 -30.32 1.87
CA PRO A 287 -13.39 -30.48 0.41
C PRO A 287 -14.29 -29.58 -0.42
N GLN A 288 -15.48 -29.25 0.06
CA GLN A 288 -16.19 -28.16 -0.53
C GLN A 288 -17.04 -27.50 0.55
N VAL A 289 -17.46 -26.29 0.27
CA VAL A 289 -18.40 -25.56 1.16
C VAL A 289 -19.70 -26.35 1.24
N ARG A 290 -20.30 -26.46 2.40
CA ARG A 290 -21.63 -27.02 2.50
C ARG A 290 -22.61 -25.87 2.43
N LEU A 291 -23.37 -25.84 1.36
CA LEU A 291 -24.35 -24.81 1.17
C LEU A 291 -25.54 -25.48 0.51
N GLU A 292 -26.50 -25.82 1.34
CA GLU A 292 -27.65 -26.64 0.92
C GLU A 292 -28.76 -26.58 1.94
N ARG A 293 -29.97 -26.87 1.48
CA ARG A 293 -31.12 -26.96 2.33
C ARG A 293 -31.27 -28.38 2.90
N GLU A 294 -31.80 -28.47 4.11
CA GLU A 294 -32.14 -29.74 4.75
C GLU A 294 -33.49 -29.49 5.45
N GLN A 295 -34.43 -30.39 5.34
CA GLN A 295 -35.66 -30.31 6.15
C GLN A 295 -35.55 -31.22 7.39
N LEU A 296 -35.74 -30.66 8.58
CA LEU A 296 -35.73 -31.42 9.82
C LEU A 296 -37.13 -31.44 10.46
N ARG A 297 -37.48 -32.56 11.07
CA ARG A 297 -38.82 -32.71 11.65
C ARG A 297 -38.73 -32.92 13.15
N PHE A 298 -39.42 -32.05 13.89
CA PHE A 298 -39.57 -32.20 15.33
C PHE A 298 -41.05 -31.99 15.71
N GLY A 299 -41.70 -33.05 16.18
CA GLY A 299 -43.16 -33.08 16.23
C GLY A 299 -43.76 -32.92 14.85
N SER A 300 -44.76 -32.04 14.73
CA SER A 300 -45.73 -32.10 13.62
C SER A 300 -45.35 -31.22 12.43
N SER A 301 -44.47 -30.24 12.67
CA SER A 301 -44.06 -29.28 11.64
C SER A 301 -42.61 -29.50 11.19
N ASN A 302 -42.36 -29.20 9.91
CA ASN A 302 -41.01 -29.22 9.37
C ASN A 302 -40.28 -27.92 9.66
N THR A 303 -38.99 -28.00 9.93
CA THR A 303 -38.16 -26.80 10.06
C THR A 303 -37.18 -26.81 8.92
N GLU A 304 -36.99 -25.65 8.29
CA GLU A 304 -36.10 -25.59 7.16
C GLU A 304 -34.73 -25.14 7.65
N VAL A 305 -33.70 -25.90 7.29
CA VAL A 305 -32.34 -25.48 7.61
C VAL A 305 -31.62 -25.20 6.29
N ILE A 306 -30.91 -24.09 6.24
CA ILE A 306 -29.98 -23.83 5.15
C ILE A 306 -28.57 -23.72 5.71
N HIS A 307 -27.72 -24.68 5.37
CA HIS A 307 -26.32 -24.71 5.83
C HIS A 307 -25.51 -23.81 4.97
N ASN A 308 -24.55 -23.12 5.60
CA ASN A 308 -23.56 -22.36 4.87
C ASN A 308 -22.27 -22.32 5.67
N TYR A 309 -21.45 -23.35 5.52
CA TYR A 309 -20.21 -23.47 6.30
C TYR A 309 -19.20 -24.29 5.55
N GLY A 310 -17.97 -24.21 6.02
CA GLY A 310 -16.89 -24.93 5.41
C GLY A 310 -16.07 -24.16 4.39
N HIS A 311 -15.87 -22.87 4.63
CA HIS A 311 -15.19 -22.03 3.66
C HIS A 311 -13.66 -21.93 3.87
N GLY A 312 -13.10 -22.82 4.68
CA GLY A 312 -11.63 -23.00 4.76
C GLY A 312 -10.87 -21.71 4.94
N GLY A 313 -9.85 -21.53 4.11
CA GLY A 313 -9.03 -20.34 4.14
C GLY A 313 -9.43 -19.24 3.19
N TYR A 314 -10.71 -19.22 2.80
CA TYR A 314 -11.20 -18.27 1.81
C TYR A 314 -12.61 -17.69 2.10
N GLY A 315 -13.01 -17.67 3.37
CA GLY A 315 -14.35 -17.17 3.71
C GLY A 315 -14.57 -15.73 3.33
N LEU A 316 -13.56 -14.87 3.52
CA LEU A 316 -13.77 -13.49 3.17
C LEU A 316 -13.90 -13.36 1.66
N THR A 317 -13.04 -14.10 0.96
CA THR A 317 -12.97 -14.12 -0.48
C THR A 317 -14.29 -14.52 -1.18
N ILE A 318 -15.02 -15.44 -0.55
CA ILE A 318 -16.14 -16.11 -1.19
C ILE A 318 -17.50 -15.66 -0.62
N HIS A 319 -17.50 -14.88 0.47
CA HIS A 319 -18.69 -14.85 1.34
C HIS A 319 -19.96 -14.37 0.63
N TRP A 320 -19.85 -13.35 -0.21
CA TRP A 320 -21.01 -12.66 -0.71
C TRP A 320 -21.76 -13.52 -1.73
N GLY A 321 -21.01 -14.20 -2.60
CA GLY A 321 -21.56 -15.27 -3.47
C GLY A 321 -22.36 -16.30 -2.67
N CYS A 322 -21.84 -16.71 -1.52
CA CYS A 322 -22.52 -17.78 -0.78
C CYS A 322 -23.77 -17.17 -0.15
N ALA A 323 -23.65 -15.93 0.33
CA ALA A 323 -24.80 -15.26 0.91
C ALA A 323 -25.89 -15.10 -0.13
N LEU A 324 -25.52 -14.75 -1.35
CA LEU A 324 -26.53 -14.61 -2.43
C LEU A 324 -27.21 -15.95 -2.71
N GLU A 325 -26.42 -17.01 -2.69
CA GLU A 325 -26.93 -18.38 -2.88
C GLU A 325 -27.87 -18.84 -1.79
N VAL A 326 -27.55 -18.55 -0.53
CA VAL A 326 -28.50 -18.81 0.54
C VAL A 326 -29.81 -18.01 0.32
N ALA A 327 -29.71 -16.76 -0.06
CA ALA A 327 -30.89 -15.97 -0.37
C ALA A 327 -31.74 -16.62 -1.48
N LYS A 328 -31.10 -17.19 -2.49
CA LYS A 328 -31.77 -17.91 -3.55
C LYS A 328 -32.49 -19.16 -3.00
N LEU A 329 -31.85 -19.90 -2.11
CA LEU A 329 -32.48 -21.08 -1.54
C LEU A 329 -33.65 -20.65 -0.61
N PHE A 330 -33.49 -19.53 0.07
CA PHE A 330 -34.58 -19.01 0.90
C PHE A 330 -35.79 -18.65 0.01
N GLY A 331 -35.53 -18.01 -1.13
CA GLY A 331 -36.54 -17.78 -2.17
C GLY A 331 -37.35 -19.02 -2.51
N LYS A 332 -36.67 -20.15 -2.58
CA LYS A 332 -37.31 -21.42 -2.96
C LYS A 332 -38.18 -21.98 -1.83
N VAL A 333 -37.71 -21.81 -0.59
CA VAL A 333 -38.53 -22.11 0.56
C VAL A 333 -39.84 -21.34 0.45
N LEU A 334 -39.73 -20.06 0.17
CA LEU A 334 -40.91 -19.18 0.12
C LEU A 334 -41.85 -19.62 -0.99
N GLU A 335 -41.25 -19.89 -2.13
CA GLU A 335 -42.00 -20.21 -3.32
C GLU A 335 -42.72 -21.56 -3.11
N GLU A 336 -42.09 -22.48 -2.37
CA GLU A 336 -42.76 -23.74 -1.98
C GLU A 336 -43.94 -23.56 -1.02
N ARG A 337 -44.03 -22.42 -0.36
CA ARG A 337 -45.18 -22.08 0.53
C ARG A 337 -46.14 -21.11 -0.12
N ASN A 338 -46.19 -21.10 -1.45
CA ASN A 338 -47.09 -20.21 -2.20
C ASN A 338 -46.85 -18.74 -1.87
N LEU A 339 -45.63 -18.41 -1.46
CA LEU A 339 -45.31 -17.03 -1.18
C LEU A 339 -44.60 -16.43 -2.40
N LEU A 340 -44.83 -15.15 -2.67
CA LEU A 340 -44.45 -14.57 -3.95
C LEU A 340 -43.31 -13.58 -3.74
N THR A 341 -42.26 -13.69 -4.54
CA THR A 341 -41.35 -12.56 -4.78
C THR A 341 -41.63 -11.89 -6.13
N MET B 1 42.77 18.79 0.29
CA MET B 1 41.61 19.15 -0.57
C MET B 1 40.41 19.35 0.35
N ARG B 2 39.99 20.61 0.49
CA ARG B 2 38.85 20.99 1.32
C ARG B 2 37.66 21.24 0.42
N VAL B 3 36.61 20.41 0.61
CA VAL B 3 35.40 20.53 -0.16
C VAL B 3 34.31 21.01 0.80
N VAL B 4 33.62 22.10 0.43
CA VAL B 4 32.46 22.55 1.20
C VAL B 4 31.20 22.35 0.30
N VAL B 5 30.30 21.47 0.73
CA VAL B 5 28.98 21.31 0.12
C VAL B 5 28.02 22.29 0.81
N ILE B 6 27.47 23.22 0.06
CA ILE B 6 26.49 24.17 0.59
C ILE B 6 25.12 23.59 0.27
N GLY B 7 24.42 23.21 1.33
CA GLY B 7 23.08 22.73 1.25
C GLY B 7 22.94 21.36 1.83
N ALA B 8 21.85 21.13 2.55
CA ALA B 8 21.60 19.86 3.28
C ALA B 8 20.24 19.25 2.97
N GLY B 9 19.67 19.59 1.81
CA GLY B 9 18.57 18.82 1.23
C GLY B 9 19.05 17.57 0.50
N VAL B 10 18.14 16.94 -0.23
CA VAL B 10 18.51 15.70 -0.91
C VAL B 10 19.73 15.89 -1.80
N ILE B 11 19.80 17.03 -2.48
CA ILE B 11 20.84 17.24 -3.48
C ILE B 11 22.20 17.36 -2.80
N GLY B 12 22.28 18.19 -1.77
CA GLY B 12 23.53 18.39 -1.12
C GLY B 12 24.04 17.16 -0.40
N LEU B 13 23.17 16.54 0.38
CA LEU B 13 23.60 15.36 1.14
C LEU B 13 23.96 14.16 0.27
N SER B 14 23.16 13.90 -0.75
CA SER B 14 23.49 12.81 -1.64
C SER B 14 24.81 13.08 -2.36
N THR B 15 25.02 14.31 -2.80
CA THR B 15 26.25 14.67 -3.48
C THR B 15 27.46 14.52 -2.53
N ALA B 16 27.33 15.00 -1.30
CA ALA B 16 28.38 14.81 -0.31
C ALA B 16 28.73 13.35 -0.12
N LEU B 17 27.72 12.47 -0.04
CA LEU B 17 28.00 11.06 0.22
C LEU B 17 28.69 10.41 -0.97
N CYS B 18 28.20 10.75 -2.16
CA CYS B 18 28.73 10.22 -3.39
C CYS B 18 30.19 10.61 -3.54
N ILE B 19 30.50 11.87 -3.30
CA ILE B 19 31.89 12.33 -3.35
C ILE B 19 32.74 11.60 -2.32
N HIS B 20 32.28 11.58 -1.06
CA HIS B 20 33.05 10.92 0.00
C HIS B 20 33.28 9.41 -0.25
N GLU B 21 32.22 8.68 -0.62
CA GLU B 21 32.30 7.25 -0.88
C GLU B 21 33.23 6.93 -2.05
N ARG B 22 33.28 7.86 -3.02
CA ARG B 22 34.12 7.72 -4.22
C ARG B 22 35.61 7.96 -3.94
N TYR B 23 35.92 9.00 -3.16
CA TYR B 23 37.32 9.47 -3.08
C TYR B 23 37.99 9.24 -1.73
N HIS B 24 37.23 8.85 -0.70
CA HIS B 24 37.83 8.79 0.63
C HIS B 24 38.97 7.79 0.68
N SER B 25 38.81 6.67 -0.02
CA SER B 25 39.83 5.63 -0.06
C SER B 25 41.09 6.01 -0.88
N VAL B 26 40.96 6.91 -1.84
CA VAL B 26 42.08 7.16 -2.73
C VAL B 26 42.73 8.51 -2.58
N LEU B 27 42.02 9.50 -2.07
CA LEU B 27 42.61 10.83 -1.93
C LEU B 27 42.85 11.15 -0.45
N GLN B 28 44.12 11.23 -0.09
CA GLN B 28 44.51 11.77 1.23
C GLN B 28 45.41 13.00 1.08
N PRO B 29 45.06 14.10 1.78
CA PRO B 29 43.92 14.18 2.67
C PRO B 29 42.66 14.60 1.89
N LEU B 30 41.48 14.31 2.44
CA LEU B 30 40.23 14.78 1.85
C LEU B 30 39.34 15.23 3.01
N ASP B 31 38.92 16.47 2.96
CA ASP B 31 38.02 16.99 3.98
C ASP B 31 36.74 17.45 3.30
N VAL B 32 35.64 16.75 3.58
CA VAL B 32 34.33 17.17 3.11
C VAL B 32 33.51 17.71 4.29
N LYS B 33 32.99 18.91 4.16
CA LYS B 33 32.08 19.48 5.16
C LYS B 33 30.80 19.90 4.49
N VAL B 34 29.69 19.84 5.21
CA VAL B 34 28.41 20.40 4.74
C VAL B 34 28.08 21.67 5.53
N TYR B 35 27.82 22.76 4.81
CA TYR B 35 27.30 24.01 5.38
C TYR B 35 25.87 24.19 4.89
N ALA B 36 24.95 24.53 5.78
CA ALA B 36 23.60 24.90 5.36
C ALA B 36 22.94 25.67 6.48
N ASP B 37 21.93 26.45 6.14
CA ASP B 37 21.19 27.22 7.18
C ASP B 37 19.87 26.59 7.55
N ARG B 38 19.53 25.49 6.90
CA ARG B 38 18.44 24.60 7.32
C ARG B 38 18.87 23.13 7.18
N PHE B 39 18.77 22.36 8.25
CA PHE B 39 18.82 20.89 8.16
C PHE B 39 17.41 20.30 8.23
N THR B 40 17.25 19.04 7.85
CA THR B 40 16.00 18.31 8.16
C THR B 40 15.62 18.55 9.61
N PRO B 41 14.33 18.76 9.89
CA PRO B 41 13.14 18.66 9.05
C PRO B 41 12.73 19.94 8.33
N PHE B 42 13.67 20.87 8.12
CA PHE B 42 13.29 22.23 7.71
C PHE B 42 13.64 22.57 6.27
N THR B 43 13.97 21.57 5.47
CA THR B 43 14.24 21.82 4.05
C THR B 43 13.04 21.58 3.17
N THR B 44 13.12 22.05 1.93
CA THR B 44 12.14 21.69 0.90
C THR B 44 12.02 20.20 0.74
N THR B 45 13.15 19.50 0.68
CA THR B 45 13.14 18.06 0.60
C THR B 45 12.20 17.37 1.61
N ASP B 46 12.15 17.91 2.82
CA ASP B 46 11.32 17.33 3.86
C ASP B 46 9.82 17.37 3.60
N VAL B 47 9.38 18.25 2.71
CA VAL B 47 7.98 18.44 2.42
C VAL B 47 7.52 17.68 1.18
N ALA B 48 8.46 17.05 0.49
CA ALA B 48 8.18 16.41 -0.77
C ALA B 48 7.19 15.26 -0.60
N ALA B 49 6.38 15.03 -1.64
CA ALA B 49 5.36 14.00 -1.55
C ALA B 49 6.00 12.65 -1.33
N GLY B 50 7.19 12.43 -1.87
CA GLY B 50 7.91 11.21 -1.59
C GLY B 50 7.71 10.10 -2.66
N LEU B 51 7.48 10.44 -3.95
CA LEU B 51 7.35 9.45 -5.04
C LEU B 51 8.44 9.55 -6.12
N TRP B 52 8.99 8.42 -6.55
CA TRP B 52 9.76 8.42 -7.78
C TRP B 52 8.85 8.48 -8.99
N GLN B 53 8.85 9.63 -9.66
CA GLN B 53 8.19 9.78 -10.95
C GLN B 53 8.62 11.10 -11.59
N PRO B 54 9.29 11.03 -12.75
CA PRO B 54 9.57 12.24 -13.49
C PRO B 54 8.33 12.91 -14.08
N TYR B 55 8.51 14.11 -14.60
CA TYR B 55 7.44 14.78 -15.30
C TYR B 55 6.92 13.92 -16.48
N THR B 56 5.71 14.23 -16.95
CA THR B 56 5.15 13.49 -18.08
C THR B 56 5.74 13.79 -19.49
N SER B 57 6.29 14.99 -19.69
CA SER B 57 7.02 15.31 -20.95
C SER B 57 8.52 15.05 -20.80
N GLU B 58 9.22 14.71 -21.87
CA GLU B 58 10.66 14.47 -21.72
C GLU B 58 11.43 15.75 -21.40
N PRO B 59 12.63 15.61 -20.82
CA PRO B 59 13.42 16.79 -20.44
C PRO B 59 14.02 17.40 -21.68
N SER B 60 14.45 18.66 -21.60
CA SER B 60 15.20 19.24 -22.71
C SER B 60 16.57 18.61 -22.83
N ASN B 61 17.28 18.49 -21.71
CA ASN B 61 18.55 17.77 -21.71
C ASN B 61 18.29 16.25 -21.68
N PRO B 62 18.82 15.50 -22.66
CA PRO B 62 18.77 14.03 -22.55
C PRO B 62 19.60 13.43 -21.38
N GLN B 63 20.61 14.15 -20.91
CA GLN B 63 21.31 13.77 -19.68
C GLN B 63 20.30 13.52 -18.56
N GLU B 64 19.25 14.31 -18.48
CA GLU B 64 18.34 14.23 -17.33
C GLU B 64 17.59 12.93 -17.34
N ALA B 65 17.24 12.42 -18.51
CA ALA B 65 16.52 11.16 -18.56
C ALA B 65 17.38 10.04 -17.99
N ASN B 66 18.65 10.03 -18.35
CA ASN B 66 19.57 9.05 -17.85
C ASN B 66 19.78 9.19 -16.34
N TRP B 67 19.81 10.42 -15.82
CA TRP B 67 20.01 10.63 -14.37
C TRP B 67 18.81 10.10 -13.55
N ASN B 68 17.63 10.24 -14.11
CA ASN B 68 16.45 9.63 -13.52
C ASN B 68 16.55 8.12 -13.55
N GLN B 69 16.99 7.55 -14.67
CA GLN B 69 17.09 6.12 -14.74
C GLN B 69 18.14 5.59 -13.75
N GLN B 70 19.30 6.24 -13.70
CA GLN B 70 20.32 5.85 -12.75
C GLN B 70 19.82 5.92 -11.28
N THR B 71 18.96 6.88 -10.99
CA THR B 71 18.43 7.03 -9.63
C THR B 71 17.45 5.88 -9.34
N PHE B 72 16.59 5.54 -10.32
CA PHE B 72 15.67 4.43 -10.13
C PHE B 72 16.39 3.13 -9.88
N ASN B 73 17.42 2.88 -10.70
CA ASN B 73 18.22 1.68 -10.56
C ASN B 73 18.91 1.61 -9.20
N TYR B 74 19.45 2.74 -8.73
CA TYR B 74 20.08 2.87 -7.43
C TYR B 74 19.13 2.53 -6.27
N LEU B 75 17.96 3.14 -6.31
CA LEU B 75 17.00 2.97 -5.23
C LEU B 75 16.40 1.56 -5.22
N LEU B 76 15.99 1.06 -6.38
CA LEU B 76 15.44 -0.30 -6.55
C LEU B 76 16.39 -1.37 -6.06
N SER B 77 17.68 -1.16 -6.30
CA SER B 77 18.69 -2.12 -5.86
C SER B 77 18.78 -2.24 -4.34
N HIS B 78 18.26 -1.27 -3.60
CA HIS B 78 18.17 -1.40 -2.15
C HIS B 78 17.00 -2.28 -1.67
N ILE B 79 16.08 -2.63 -2.56
CA ILE B 79 14.81 -3.12 -2.04
C ILE B 79 14.89 -4.35 -1.11
N GLY B 80 15.66 -5.35 -1.46
CA GLY B 80 15.90 -6.47 -0.51
C GLY B 80 16.79 -6.18 0.71
N SER B 81 17.26 -4.96 0.88
CA SER B 81 18.12 -4.63 2.02
C SER B 81 17.33 -4.56 3.31
N PRO B 82 17.95 -4.97 4.41
CA PRO B 82 17.22 -4.80 5.66
C PRO B 82 16.98 -3.34 6.02
N ASN B 83 17.76 -2.43 5.46
CA ASN B 83 17.63 -1.03 5.82
C ASN B 83 16.82 -0.15 4.87
N ALA B 84 16.15 -0.76 3.91
CA ALA B 84 15.45 0.00 2.89
C ALA B 84 14.48 0.98 3.52
N ALA B 85 13.65 0.52 4.47
CA ALA B 85 12.60 1.36 5.07
C ALA B 85 13.23 2.41 6.01
N ASN B 86 14.37 2.07 6.59
CA ASN B 86 15.09 3.04 7.40
C ASN B 86 15.71 4.16 6.54
N MET B 87 15.86 3.90 5.24
CA MET B 87 16.35 4.89 4.32
C MET B 87 15.22 5.78 3.83
N GLY B 88 13.98 5.39 4.12
CA GLY B 88 12.81 6.06 3.57
C GLY B 88 12.18 5.45 2.33
N LEU B 89 12.59 4.23 1.98
CA LEU B 89 12.27 3.63 0.71
C LEU B 89 11.32 2.47 0.87
N THR B 90 10.31 2.41 0.02
CA THR B 90 9.53 1.19 -0.10
C THR B 90 8.84 1.15 -1.48
N PRO B 91 8.59 -0.03 -2.02
CA PRO B 91 7.87 -0.09 -3.31
C PRO B 91 6.37 0.22 -3.15
N VAL B 92 5.79 0.89 -4.12
CA VAL B 92 4.40 1.29 -4.08
C VAL B 92 3.94 1.18 -5.51
N SER B 93 2.68 0.85 -5.68
CA SER B 93 2.12 0.74 -6.99
C SER B 93 0.99 1.77 -7.04
N GLY B 94 0.60 2.15 -8.26
CA GLY B 94 -0.34 3.24 -8.40
C GLY B 94 -0.73 3.62 -9.82
N TYR B 95 -1.53 4.69 -9.87
CA TYR B 95 -2.36 5.07 -11.01
C TYR B 95 -1.99 6.47 -11.43
N ASN B 96 -1.94 6.68 -12.74
CA ASN B 96 -1.80 8.01 -13.32
C ASN B 96 -3.01 8.20 -14.24
N LEU B 97 -3.79 9.26 -13.99
CA LEU B 97 -5.12 9.36 -14.54
C LEU B 97 -5.28 10.61 -15.40
N PHE B 98 -5.87 10.43 -16.58
CA PHE B 98 -6.06 11.51 -17.53
C PHE B 98 -7.52 11.57 -18.03
N ARG B 99 -7.88 12.75 -18.53
CA ARG B 99 -9.21 13.00 -19.10
C ARG B 99 -9.29 12.55 -20.55
N GLU B 100 -8.14 12.36 -21.18
CA GLU B 100 -8.11 11.93 -22.57
C GLU B 100 -6.89 11.12 -22.76
N ALA B 101 -6.81 10.44 -23.89
CA ALA B 101 -5.59 9.72 -24.23
C ALA B 101 -4.37 10.65 -24.35
N VAL B 102 -3.24 10.14 -23.88
CA VAL B 102 -1.97 10.82 -23.97
C VAL B 102 -0.93 9.75 -24.32
N PRO B 103 0.23 10.18 -24.81
CA PRO B 103 1.29 9.23 -25.17
C PRO B 103 1.88 8.61 -23.92
N ASP B 104 2.56 7.48 -24.07
CA ASP B 104 3.23 6.86 -22.94
C ASP B 104 4.35 7.83 -22.56
N PRO B 105 4.75 7.83 -21.29
CA PRO B 105 5.86 8.66 -20.88
C PRO B 105 7.21 8.02 -21.23
N TYR B 106 8.27 8.83 -21.25
CA TYR B 106 9.61 8.35 -21.63
C TYR B 106 10.18 7.34 -20.66
N TRP B 107 9.68 7.39 -19.43
CA TRP B 107 10.16 6.56 -18.33
C TRP B 107 9.35 5.28 -18.16
N LYS B 108 8.50 4.97 -19.14
CA LYS B 108 7.62 3.84 -19.01
C LYS B 108 8.36 2.54 -18.73
N ASP B 109 9.57 2.40 -19.25
CA ASP B 109 10.33 1.18 -19.08
C ASP B 109 11.26 1.21 -17.88
N MET B 110 11.48 2.39 -17.30
CA MET B 110 12.26 2.51 -16.08
C MET B 110 11.56 1.95 -14.83
N VAL B 111 10.28 2.30 -14.71
CA VAL B 111 9.45 1.73 -13.68
C VAL B 111 9.13 0.26 -13.94
N LEU B 112 8.41 -0.36 -13.03
CA LEU B 112 8.11 -1.78 -13.12
C LEU B 112 6.68 -1.98 -13.55
N GLY B 113 6.48 -2.81 -14.56
CA GLY B 113 5.12 -3.23 -14.92
C GLY B 113 4.20 -2.19 -15.52
N PHE B 114 4.75 -1.19 -16.19
CA PHE B 114 3.93 -0.14 -16.78
C PHE B 114 2.87 -0.73 -17.70
N ARG B 115 1.63 -0.26 -17.62
CA ARG B 115 0.63 -0.58 -18.65
C ARG B 115 -0.49 0.44 -18.64
N LYS B 116 -1.28 0.49 -19.69
CA LYS B 116 -2.53 1.24 -19.68
C LYS B 116 -3.56 0.58 -18.76
N LEU B 117 -4.49 1.38 -18.26
CA LEU B 117 -5.56 0.89 -17.42
C LEU B 117 -6.69 0.30 -18.27
N THR B 118 -7.36 -0.71 -17.75
CA THR B 118 -8.52 -1.33 -18.43
C THR B 118 -9.80 -0.61 -18.04
N PRO B 119 -10.88 -0.87 -18.79
CA PRO B 119 -12.13 -0.22 -18.43
C PRO B 119 -12.64 -0.49 -17.02
N ARG B 120 -12.44 -1.71 -16.49
CA ARG B 120 -12.92 -2.02 -15.12
C ARG B 120 -12.14 -1.24 -14.09
N GLU B 121 -10.87 -0.97 -14.43
CA GLU B 121 -9.99 -0.20 -13.54
C GLU B 121 -10.46 1.25 -13.44
N LEU B 122 -10.77 1.83 -14.57
CA LEU B 122 -11.22 3.21 -14.65
C LEU B 122 -12.52 3.50 -13.87
N ASP B 123 -13.38 2.51 -13.69
CA ASP B 123 -14.64 2.75 -12.98
C ASP B 123 -14.36 3.04 -11.50
N MET B 124 -13.14 2.77 -11.05
CA MET B 124 -12.70 3.23 -9.74
C MET B 124 -12.57 4.75 -9.71
N PHE B 125 -12.46 5.33 -10.89
CA PHE B 125 -12.16 6.74 -11.02
C PHE B 125 -13.07 7.31 -12.10
N PRO B 126 -14.35 7.54 -11.76
CA PRO B 126 -15.35 7.92 -12.77
C PRO B 126 -15.04 9.23 -13.51
N ASP B 127 -14.28 10.13 -12.87
CA ASP B 127 -14.04 11.44 -13.47
C ASP B 127 -12.95 11.41 -14.56
N TYR B 128 -12.34 10.23 -14.78
CA TYR B 128 -11.23 10.11 -15.73
C TYR B 128 -11.53 9.09 -16.80
N ARG B 129 -10.79 9.11 -17.90
CA ARG B 129 -11.11 8.27 -19.04
C ARG B 129 -9.91 7.46 -19.59
N TYR B 130 -8.71 7.67 -19.05
CA TYR B 130 -7.51 7.00 -19.59
C TYR B 130 -6.42 7.05 -18.56
N GLY B 131 -5.57 6.05 -18.50
CA GLY B 131 -4.48 6.13 -17.55
C GLY B 131 -3.48 5.02 -17.63
N TRP B 132 -2.59 5.04 -16.64
CA TRP B 132 -1.47 4.14 -16.54
C TRP B 132 -1.53 3.47 -15.19
N PHE B 133 -0.90 2.33 -15.12
CA PHE B 133 -0.60 1.70 -13.84
C PHE B 133 0.86 1.36 -13.90
N ASN B 134 1.56 1.55 -12.78
CA ASN B 134 2.92 1.01 -12.62
C ASN B 134 3.30 0.84 -11.14
N THR B 135 4.42 0.17 -10.90
CA THR B 135 5.04 0.14 -9.60
C THR B 135 6.26 1.04 -9.62
N SER B 136 6.41 1.81 -8.56
CA SER B 136 7.56 2.65 -8.37
C SER B 136 8.00 2.53 -6.91
N LEU B 137 8.69 3.56 -6.40
CA LEU B 137 9.21 3.58 -5.05
C LEU B 137 8.81 4.87 -4.39
N ILE B 138 8.46 4.76 -3.12
CA ILE B 138 8.39 5.89 -2.24
C ILE B 138 9.81 6.13 -1.79
N LEU B 139 10.26 7.38 -1.80
CA LEU B 139 11.47 7.78 -1.10
C LEU B 139 11.11 8.95 -0.25
N GLU B 140 10.93 8.71 1.04
CA GLU B 140 10.46 9.76 1.92
C GLU B 140 11.56 10.74 2.26
N GLY B 141 11.38 12.00 1.86
CA GLY B 141 12.43 13.02 1.99
C GLY B 141 13.03 13.11 3.38
N ARG B 142 12.14 13.23 4.37
CA ARG B 142 12.57 13.40 5.76
C ARG B 142 13.43 12.23 6.23
N LYS B 143 12.95 11.00 6.04
CA LYS B 143 13.68 9.82 6.46
C LYS B 143 14.99 9.69 5.71
N TYR B 144 14.97 9.97 4.40
CA TYR B 144 16.18 9.82 3.60
C TYR B 144 17.25 10.79 4.08
N LEU B 145 16.87 12.03 4.39
CA LEU B 145 17.84 13.02 4.94
C LEU B 145 18.43 12.59 6.28
N GLN B 146 17.60 12.02 7.14
CA GLN B 146 18.07 11.45 8.39
C GLN B 146 19.07 10.33 8.15
N TRP B 147 18.73 9.41 7.25
CA TRP B 147 19.62 8.35 6.83
C TRP B 147 20.94 8.91 6.29
N LEU B 148 20.84 9.81 5.30
CA LEU B 148 22.09 10.37 4.69
C LEU B 148 22.96 11.07 5.74
N THR B 149 22.35 11.78 6.66
CA THR B 149 23.19 12.44 7.65
C THR B 149 23.88 11.45 8.57
N GLU B 150 23.21 10.36 8.92
CA GLU B 150 23.88 9.33 9.74
C GLU B 150 25.03 8.70 8.96
N ARG B 151 24.82 8.45 7.67
CA ARG B 151 25.88 7.86 6.83
C ARG B 151 27.05 8.78 6.71
N LEU B 152 26.77 10.07 6.60
CA LEU B 152 27.83 11.03 6.42
C LEU B 152 28.61 11.21 7.73
N THR B 153 27.88 11.41 8.82
CA THR B 153 28.48 11.60 10.12
C THR B 153 29.33 10.40 10.55
N GLU B 154 28.83 9.20 10.29
CA GLU B 154 29.58 7.98 10.57
C GLU B 154 30.90 7.97 9.84
N ARG B 155 30.95 8.60 8.67
CA ARG B 155 32.17 8.57 7.85
C ARG B 155 33.08 9.76 8.17
N GLY B 156 32.72 10.57 9.17
CA GLY B 156 33.55 11.70 9.55
C GLY B 156 33.28 13.00 8.82
N VAL B 157 32.20 13.08 8.06
CA VAL B 157 31.81 14.33 7.43
C VAL B 157 31.13 15.20 8.48
N LYS B 158 31.62 16.44 8.62
CA LYS B 158 31.12 17.37 9.65
C LYS B 158 30.13 18.36 9.07
N PHE B 159 29.10 18.67 9.87
CA PHE B 159 28.01 19.56 9.46
C PHE B 159 28.14 20.88 10.24
N PHE B 160 27.88 21.99 9.54
CA PHE B 160 27.81 23.32 10.14
C PHE B 160 26.56 24.08 9.76
N LEU B 161 25.81 24.46 10.77
CA LEU B 161 24.60 25.23 10.53
C LEU B 161 25.01 26.69 10.41
N ARG B 162 25.00 27.15 9.15
CA ARG B 162 25.70 28.35 8.70
C ARG B 162 24.94 28.91 7.47
N LYS B 163 24.62 30.20 7.50
CA LYS B 163 24.16 30.90 6.30
C LYS B 163 25.36 31.43 5.53
N VAL B 164 25.48 31.00 4.28
CA VAL B 164 26.53 31.46 3.43
C VAL B 164 26.07 32.71 2.70
N GLU B 165 26.89 33.75 2.80
CA GLU B 165 26.58 35.07 2.19
C GLU B 165 27.19 35.19 0.80
N SER B 166 28.28 34.50 0.55
CA SER B 166 28.88 34.51 -0.79
C SER B 166 29.76 33.28 -0.99
N PHE B 167 29.97 32.87 -2.25
CA PHE B 167 30.96 31.85 -2.51
C PHE B 167 32.32 32.34 -2.06
N GLU B 168 32.55 33.63 -2.29
CA GLU B 168 33.83 34.23 -1.94
C GLU B 168 34.25 33.96 -0.48
N GLU B 169 33.34 34.17 0.45
CA GLU B 169 33.61 33.95 1.86
C GLU B 169 33.98 32.51 2.18
N VAL B 170 33.31 31.57 1.54
CA VAL B 170 33.62 30.16 1.73
C VAL B 170 34.98 29.82 1.12
N ALA B 171 35.28 30.36 -0.05
CA ALA B 171 36.60 30.14 -0.65
C ALA B 171 37.70 30.76 0.21
N ARG B 172 37.48 31.99 0.66
CA ARG B 172 38.46 32.66 1.48
C ARG B 172 38.69 31.95 2.83
N GLY B 173 37.65 31.30 3.37
CA GLY B 173 37.81 30.47 4.57
C GLY B 173 38.52 29.13 4.43
N GLY B 174 38.87 28.75 3.21
CA GLY B 174 39.69 27.55 2.99
C GLY B 174 39.14 26.50 2.04
N ALA B 175 37.95 26.70 1.48
CA ALA B 175 37.47 25.71 0.51
C ALA B 175 38.29 25.79 -0.78
N ASP B 176 38.80 24.64 -1.19
CA ASP B 176 39.31 24.46 -2.54
C ASP B 176 38.24 24.19 -3.57
N VAL B 177 37.21 23.45 -3.16
CA VAL B 177 36.08 23.17 -4.06
C VAL B 177 34.77 23.44 -3.31
N ILE B 178 33.84 24.14 -3.96
CA ILE B 178 32.51 24.37 -3.40
C ILE B 178 31.48 23.65 -4.24
N ILE B 179 30.58 22.90 -3.60
CA ILE B 179 29.48 22.27 -4.35
C ILE B 179 28.22 23.05 -3.97
N ASN B 180 27.59 23.64 -4.95
CA ASN B 180 26.50 24.59 -4.72
C ASN B 180 25.15 23.90 -4.84
N CYS B 181 24.58 23.47 -3.70
CA CYS B 181 23.35 22.67 -3.69
C CYS B 181 22.30 23.44 -2.89
N THR B 182 22.10 24.69 -3.28
CA THR B 182 21.28 25.61 -2.52
C THR B 182 19.82 25.69 -2.97
N GLY B 183 19.44 24.81 -3.89
CA GLY B 183 18.04 24.67 -4.26
C GLY B 183 17.48 25.99 -4.80
N VAL B 184 16.29 26.36 -4.33
CA VAL B 184 15.55 27.48 -4.95
C VAL B 184 16.22 28.81 -4.62
N TRP B 185 17.05 28.82 -3.59
CA TRP B 185 17.70 30.03 -3.12
C TRP B 185 19.08 30.31 -3.74
N ALA B 186 19.48 29.52 -4.72
CA ALA B 186 20.79 29.66 -5.36
C ALA B 186 21.08 31.07 -5.90
N GLY B 187 20.03 31.76 -6.32
CA GLY B 187 20.13 33.10 -6.90
C GLY B 187 20.69 34.15 -5.97
N VAL B 188 20.54 33.92 -4.67
CA VAL B 188 21.15 34.77 -3.65
C VAL B 188 22.67 34.80 -3.78
N LEU B 189 23.26 33.67 -4.15
CA LEU B 189 24.73 33.58 -4.23
C LEU B 189 25.27 33.96 -5.62
N GLN B 190 24.42 33.86 -6.63
CA GLN B 190 24.76 34.23 -7.99
C GLN B 190 23.45 34.35 -8.76
N PRO B 191 23.15 35.55 -9.27
CA PRO B 191 21.81 35.65 -9.81
C PRO B 191 21.58 34.66 -10.94
N ASP B 192 20.40 34.06 -10.99
CA ASP B 192 20.03 33.16 -12.08
C ASP B 192 18.57 33.39 -12.43
N PRO B 193 18.32 34.04 -13.56
CA PRO B 193 16.97 34.47 -13.84
C PRO B 193 16.10 33.34 -14.39
N LEU B 194 16.70 32.17 -14.61
CA LEU B 194 15.95 31.01 -15.04
C LEU B 194 15.41 30.23 -13.84
N LEU B 195 15.89 30.54 -12.65
CA LEU B 195 15.49 29.82 -11.44
C LEU B 195 14.29 30.48 -10.78
N GLN B 196 13.21 29.73 -10.65
CA GLN B 196 11.98 30.23 -10.04
C GLN B 196 11.42 29.31 -8.96
N PRO B 197 10.71 29.86 -7.97
CA PRO B 197 10.01 29.01 -7.02
C PRO B 197 8.81 28.29 -7.64
N GLY B 198 8.75 26.97 -7.47
CA GLY B 198 7.56 26.17 -7.77
C GLY B 198 6.82 25.94 -6.48
N ARG B 199 5.88 26.83 -6.18
CA ARG B 199 5.19 26.77 -4.89
C ARG B 199 4.19 25.63 -4.82
N GLY B 200 4.47 24.68 -3.92
CA GLY B 200 3.62 23.53 -3.73
C GLY B 200 3.13 23.49 -2.31
N GLN B 201 1.84 23.27 -2.14
CA GLN B 201 1.24 23.14 -0.82
C GLN B 201 0.69 21.73 -0.71
N ILE B 202 0.83 21.13 0.46
CA ILE B 202 0.32 19.80 0.68
C ILE B 202 -0.44 19.70 1.98
N ILE B 203 -1.35 18.72 2.02
CA ILE B 203 -2.00 18.36 3.26
C ILE B 203 -1.61 16.94 3.61
N LYS B 204 -1.07 16.77 4.82
CA LYS B 204 -0.71 15.46 5.32
C LYS B 204 -1.77 14.87 6.23
N VAL B 205 -2.12 13.62 5.96
CA VAL B 205 -3.26 12.99 6.53
C VAL B 205 -2.87 11.60 7.07
N ASP B 206 -3.43 11.21 8.20
CA ASP B 206 -3.46 9.78 8.58
C ASP B 206 -4.62 9.05 7.93
N ALA B 207 -4.30 8.26 6.90
CA ALA B 207 -5.29 7.46 6.19
C ALA B 207 -4.62 6.16 5.77
N PRO B 208 -4.28 5.32 6.77
CA PRO B 208 -3.31 4.28 6.50
C PRO B 208 -3.88 3.18 5.66
N TRP B 209 -5.21 3.14 5.48
CA TRP B 209 -5.83 2.25 4.52
C TRP B 209 -5.44 2.44 3.05
N LEU B 210 -4.96 3.62 2.70
CA LEU B 210 -4.65 3.91 1.32
C LEU B 210 -3.25 3.35 1.03
N LYS B 211 -3.19 2.42 0.08
CA LYS B 211 -1.94 1.65 -0.22
C LYS B 211 -1.37 1.97 -1.58
N ASN B 212 -2.09 2.72 -2.41
CA ASN B 212 -1.65 3.01 -3.78
C ASN B 212 -1.51 4.53 -4.06
N PHE B 213 -0.54 4.91 -4.90
CA PHE B 213 -0.51 6.31 -5.32
C PHE B 213 -1.57 6.54 -6.38
N ILE B 214 -2.09 7.75 -6.40
CA ILE B 214 -3.02 8.12 -7.42
C ILE B 214 -2.71 9.56 -7.82
N ILE B 215 -2.26 9.74 -9.06
CA ILE B 215 -1.88 11.06 -9.57
C ILE B 215 -2.79 11.36 -10.79
N THR B 216 -3.57 12.43 -10.66
CA THR B 216 -4.40 12.90 -11.76
C THR B 216 -3.69 14.04 -12.49
N HIS B 217 -4.05 14.25 -13.76
CA HIS B 217 -3.40 15.28 -14.56
C HIS B 217 -4.49 16.09 -15.26
N ASP B 218 -4.25 17.38 -15.28
CA ASP B 218 -5.08 18.41 -15.95
C ASP B 218 -4.10 18.99 -16.96
N LEU B 219 -4.25 18.59 -18.21
CA LEU B 219 -3.49 19.12 -19.32
C LEU B 219 -3.63 20.64 -19.49
N GLU B 220 -4.78 21.22 -19.11
CA GLU B 220 -4.97 22.66 -19.24
C GLU B 220 -4.24 23.47 -18.18
N ARG B 221 -3.71 22.82 -17.15
CA ARG B 221 -3.25 23.59 -15.99
C ARG B 221 -1.82 23.33 -15.54
N GLY B 222 -1.11 22.42 -16.21
CA GLY B 222 0.30 22.22 -15.90
C GLY B 222 0.51 21.25 -14.74
N ILE B 223 1.70 20.68 -14.67
CA ILE B 223 1.90 19.46 -13.94
C ILE B 223 1.76 19.72 -12.43
N TYR B 224 1.08 18.79 -11.76
CA TYR B 224 0.76 18.89 -10.33
C TYR B 224 -0.22 19.98 -9.90
N ASN B 225 -0.90 20.59 -10.87
CA ASN B 225 -2.10 21.34 -10.55
C ASN B 225 -3.34 20.55 -10.80
N SER B 226 -3.42 19.42 -10.12
CA SER B 226 -4.54 18.49 -10.26
C SER B 226 -4.33 17.55 -9.06
N PRO B 227 -5.43 17.05 -8.49
CA PRO B 227 -5.35 16.18 -7.31
C PRO B 227 -4.31 15.06 -7.38
N LEU B 228 -3.53 14.93 -6.30
CA LEU B 228 -2.63 13.79 -6.19
C LEU B 228 -2.62 13.25 -4.76
N ILE B 229 -2.48 11.95 -4.66
CA ILE B 229 -2.52 11.23 -3.40
C ILE B 229 -1.36 10.23 -3.33
N ILE B 230 -0.43 10.46 -2.40
CA ILE B 230 0.75 9.60 -2.31
C ILE B 230 0.91 9.02 -0.91
N PRO B 231 0.75 7.71 -0.78
CA PRO B 231 0.94 7.10 0.52
C PRO B 231 2.39 7.15 0.94
N GLY B 232 2.67 7.67 2.12
CA GLY B 232 4.02 7.68 2.67
C GLY B 232 4.18 6.54 3.64
N LEU B 233 5.29 6.53 4.37
CA LEU B 233 5.58 5.42 5.24
C LEU B 233 4.69 5.46 6.48
N GLN B 234 4.39 6.65 6.98
CA GLN B 234 3.52 6.81 8.16
C GLN B 234 2.34 7.77 7.99
N ALA B 235 2.23 8.41 6.83
CA ALA B 235 1.13 9.35 6.59
C ALA B 235 0.88 9.37 5.11
N VAL B 236 -0.20 10.04 4.71
CA VAL B 236 -0.50 10.19 3.28
C VAL B 236 -0.36 11.67 2.90
N THR B 237 0.26 11.94 1.75
CA THR B 237 0.36 13.26 1.23
C THR B 237 -0.71 13.51 0.20
N LEU B 238 -1.47 14.57 0.45
CA LEU B 238 -2.46 15.09 -0.48
C LEU B 238 -1.93 16.36 -1.15
N GLY B 239 -2.01 16.41 -2.45
CA GLY B 239 -1.51 17.57 -3.19
C GLY B 239 -2.42 18.01 -4.30
N GLY B 240 -1.97 19.01 -5.04
CA GLY B 240 -2.69 19.51 -6.19
C GLY B 240 -2.41 20.96 -6.55
N THR B 241 -1.38 21.59 -5.98
CA THR B 241 -0.96 22.91 -6.48
C THR B 241 0.57 22.94 -6.69
N PHE B 242 0.98 23.57 -7.78
CA PHE B 242 2.40 23.74 -8.09
C PHE B 242 2.47 24.97 -8.98
N GLN B 243 2.60 26.14 -8.36
CA GLN B 243 2.47 27.46 -9.04
C GLN B 243 3.85 28.08 -9.18
N VAL B 244 4.29 28.27 -10.41
CA VAL B 244 5.61 28.84 -10.65
C VAL B 244 5.61 30.33 -10.38
N GLY B 245 6.61 30.76 -9.61
CA GLY B 245 6.87 32.17 -9.42
C GLY B 245 6.22 32.78 -8.20
N ASN B 246 5.55 31.95 -7.40
CA ASN B 246 4.97 32.42 -6.15
C ASN B 246 5.91 32.20 -4.95
N TRP B 247 6.36 33.28 -4.35
CA TRP B 247 7.32 33.20 -3.24
C TRP B 247 6.67 33.18 -1.83
N ASN B 248 5.33 33.10 -1.75
CA ASN B 248 4.62 33.09 -0.47
C ASN B 248 4.81 31.78 0.32
N GLU B 249 5.58 31.82 1.40
CA GLU B 249 5.88 30.62 2.16
C GLU B 249 4.76 30.30 3.16
N ILE B 250 3.75 31.16 3.22
CA ILE B 250 2.59 30.91 4.08
C ILE B 250 1.58 30.05 3.32
N ASN B 251 1.03 29.00 3.98
CA ASN B 251 -0.17 28.28 3.47
C ASN B 251 -1.29 29.25 3.21
N ASN B 252 -2.04 29.05 2.14
CA ASN B 252 -3.27 29.82 1.99
C ASN B 252 -4.54 29.00 1.77
N ILE B 253 -5.66 29.70 1.82
CA ILE B 253 -6.95 29.09 1.97
C ILE B 253 -7.46 28.49 0.65
N GLN B 254 -7.26 29.16 -0.48
CA GLN B 254 -7.77 28.58 -1.74
C GLN B 254 -7.01 27.30 -2.10
N ASP B 255 -5.72 27.28 -1.80
CA ASP B 255 -4.94 26.06 -2.09
C ASP B 255 -5.34 24.87 -1.19
N HIS B 256 -5.60 25.14 0.08
CA HIS B 256 -6.15 24.15 0.99
C HIS B 256 -7.43 23.57 0.43
N ASN B 257 -8.31 24.47 -0.03
CA ASN B 257 -9.56 24.05 -0.65
C ASN B 257 -9.36 23.27 -1.94
N THR B 258 -8.45 23.69 -2.79
CA THR B 258 -8.21 22.97 -4.05
C THR B 258 -7.79 21.55 -3.74
N ILE B 259 -6.91 21.39 -2.76
CA ILE B 259 -6.30 20.11 -2.45
C ILE B 259 -7.31 19.20 -1.75
N TRP B 260 -7.95 19.72 -0.73
CA TRP B 260 -8.88 18.92 0.04
C TRP B 260 -10.12 18.52 -0.77
N GLU B 261 -10.72 19.46 -1.50
CA GLU B 261 -11.92 19.13 -2.24
C GLU B 261 -11.63 18.23 -3.43
N GLY B 262 -10.54 18.50 -4.12
CA GLY B 262 -10.09 17.66 -5.20
C GLY B 262 -9.78 16.25 -4.74
N CYS B 263 -9.05 16.14 -3.64
CA CYS B 263 -8.66 14.84 -3.15
C CYS B 263 -9.84 14.09 -2.55
N CYS B 264 -10.78 14.77 -1.87
CA CYS B 264 -11.93 14.10 -1.20
C CYS B 264 -12.85 13.58 -2.38
N ARG B 265 -12.87 14.28 -3.51
CA ARG B 265 -13.60 13.79 -4.69
C ARG B 265 -12.96 12.56 -5.34
N LEU B 266 -11.64 12.59 -5.50
CA LEU B 266 -10.90 11.43 -5.96
C LEU B 266 -11.03 10.24 -5.03
N GLU B 267 -10.97 10.51 -3.73
CA GLU B 267 -10.85 9.44 -2.77
C GLU B 267 -11.74 9.76 -1.57
N PRO B 268 -13.01 9.38 -1.66
CA PRO B 268 -13.92 9.97 -0.69
C PRO B 268 -13.85 9.35 0.69
N THR B 269 -13.08 8.27 0.85
CA THR B 269 -12.80 7.76 2.17
C THR B 269 -11.99 8.72 3.01
N LEU B 270 -11.45 9.76 2.39
CA LEU B 270 -10.71 10.75 3.12
C LEU B 270 -11.60 11.52 4.08
N LYS B 271 -12.92 11.35 4.02
CA LYS B 271 -13.78 12.02 4.99
C LYS B 271 -13.44 11.68 6.43
N ASP B 272 -12.85 10.52 6.66
CA ASP B 272 -12.47 10.10 8.00
C ASP B 272 -10.98 10.23 8.32
N ALA B 273 -10.18 10.78 7.40
CA ALA B 273 -8.74 10.94 7.65
C ALA B 273 -8.48 12.10 8.58
N LYS B 274 -7.64 11.88 9.58
CA LYS B 274 -7.21 12.96 10.45
C LYS B 274 -6.10 13.77 9.80
N ILE B 275 -6.27 15.09 9.81
CA ILE B 275 -5.26 15.98 9.31
C ILE B 275 -4.05 16.06 10.26
N VAL B 276 -2.86 15.85 9.70
CA VAL B 276 -1.61 15.84 10.48
C VAL B 276 -0.92 17.19 10.39
N GLY B 277 -0.96 17.79 9.22
CA GLY B 277 -0.13 18.94 8.92
C GLY B 277 -0.55 19.50 7.58
N GLU B 278 -0.19 20.76 7.36
CA GLU B 278 -0.34 21.37 6.07
C GLU B 278 0.90 22.23 5.88
N TYR B 279 1.46 22.21 4.68
CA TYR B 279 2.85 22.65 4.46
C TYR B 279 2.97 23.21 3.09
N THR B 280 3.90 24.16 2.94
CA THR B 280 4.23 24.77 1.65
C THR B 280 5.72 24.66 1.41
N GLY B 281 6.11 24.31 0.19
CA GLY B 281 7.52 24.29 -0.17
C GLY B 281 7.73 24.88 -1.53
N PHE B 282 9.00 25.16 -1.84
CA PHE B 282 9.35 25.74 -3.12
C PHE B 282 10.27 24.84 -3.86
N GLY B 283 9.72 24.20 -4.89
CA GLY B 283 10.54 23.49 -5.85
C GLY B 283 11.41 24.44 -6.63
N PRO B 284 12.67 24.04 -6.87
CA PRO B 284 13.60 24.87 -7.64
C PRO B 284 13.43 24.72 -9.13
N VAL B 285 12.45 25.44 -9.68
CA VAL B 285 12.05 25.25 -11.07
C VAL B 285 13.05 25.97 -11.97
N ARG B 286 13.43 25.29 -13.06
CA ARG B 286 14.40 25.78 -14.00
C ARG B 286 14.24 24.96 -15.28
N PRO B 287 14.43 25.59 -16.44
CA PRO B 287 14.18 24.86 -17.69
C PRO B 287 15.05 23.62 -17.82
N GLN B 288 16.23 23.68 -17.23
CA GLN B 288 16.99 22.47 -16.99
C GLN B 288 17.85 22.57 -15.74
N VAL B 289 18.30 21.44 -15.26
CA VAL B 289 19.09 21.40 -14.06
C VAL B 289 20.38 22.13 -14.39
N ARG B 290 20.85 22.98 -13.48
CA ARG B 290 22.22 23.49 -13.60
C ARG B 290 23.22 22.61 -12.89
N LEU B 291 24.01 21.88 -13.65
CA LEU B 291 24.99 20.99 -13.06
C LEU B 291 26.25 21.17 -13.87
N GLU B 292 27.14 22.00 -13.36
CA GLU B 292 28.29 22.36 -14.15
C GLU B 292 29.35 23.01 -13.29
N ARG B 293 30.58 22.94 -13.79
CA ARG B 293 31.72 23.56 -13.17
C ARG B 293 31.84 25.07 -13.48
N GLU B 294 32.35 25.84 -12.53
CA GLU B 294 32.64 27.26 -12.75
C GLU B 294 33.92 27.55 -11.99
N GLN B 295 34.78 28.40 -12.54
CA GLN B 295 36.01 28.78 -11.79
C GLN B 295 35.78 30.13 -11.15
N LEU B 296 36.10 30.23 -9.89
CA LEU B 296 36.04 31.51 -9.20
C LEU B 296 37.46 31.97 -8.89
N ARG B 297 37.61 33.27 -8.77
CA ARG B 297 38.92 33.90 -8.77
C ARG B 297 38.93 35.00 -7.74
N PHE B 298 39.16 34.58 -6.50
CA PHE B 298 39.41 35.47 -5.37
C PHE B 298 40.83 35.17 -4.83
N GLY B 299 41.45 36.16 -4.19
CA GLY B 299 42.73 35.96 -3.50
C GLY B 299 43.83 35.43 -4.41
N SER B 300 44.50 34.35 -3.99
CA SER B 300 45.77 33.94 -4.59
C SER B 300 45.70 32.61 -5.36
N SER B 301 44.51 32.04 -5.48
CA SER B 301 44.29 30.97 -6.45
C SER B 301 42.80 30.79 -6.72
N ASN B 302 42.49 29.88 -7.64
CA ASN B 302 41.11 29.60 -8.02
C ASN B 302 40.45 28.66 -7.02
N THR B 303 39.14 28.84 -6.84
CA THR B 303 38.34 27.83 -6.16
C THR B 303 37.35 27.34 -7.21
N GLU B 304 37.16 26.03 -7.31
CA GLU B 304 36.18 25.48 -8.25
C GLU B 304 34.83 25.40 -7.55
N VAL B 305 33.78 25.89 -8.21
CA VAL B 305 32.39 25.69 -7.77
C VAL B 305 31.80 24.69 -8.74
N ILE B 306 31.11 23.68 -8.21
CA ILE B 306 30.28 22.84 -9.05
C ILE B 306 28.85 23.03 -8.60
N HIS B 307 28.04 23.56 -9.51
CA HIS B 307 26.62 23.75 -9.30
C HIS B 307 25.87 22.45 -9.47
N ASN B 308 24.84 22.30 -8.64
CA ASN B 308 23.88 21.21 -8.72
C ASN B 308 22.56 21.68 -8.09
N TYR B 309 21.78 22.39 -8.89
CA TYR B 309 20.51 22.92 -8.46
C TYR B 309 19.52 23.12 -9.62
N GLY B 310 18.25 23.32 -9.26
CA GLY B 310 17.20 23.51 -10.25
C GLY B 310 16.48 22.24 -10.60
N HIS B 311 16.30 21.34 -9.63
CA HIS B 311 15.65 20.04 -9.92
C HIS B 311 14.12 20.07 -9.81
N GLY B 312 13.54 21.26 -9.70
CA GLY B 312 12.08 21.42 -9.83
C GLY B 312 11.23 20.53 -8.93
N GLY B 313 10.19 19.94 -9.51
CA GLY B 313 9.40 18.91 -8.80
C GLY B 313 9.87 17.45 -8.90
N TYR B 314 11.15 17.24 -9.17
CA TYR B 314 11.67 15.90 -9.37
C TYR B 314 13.04 15.66 -8.69
N GLY B 315 13.35 16.42 -7.66
CA GLY B 315 14.66 16.29 -7.01
C GLY B 315 14.89 14.89 -6.41
N LEU B 316 13.90 14.30 -5.78
CA LEU B 316 14.10 12.96 -5.22
C LEU B 316 14.26 11.95 -6.33
N THR B 317 13.52 12.18 -7.40
CA THR B 317 13.48 11.30 -8.56
C THR B 317 14.83 11.28 -9.29
N ILE B 318 15.50 12.42 -9.36
CA ILE B 318 16.72 12.55 -10.18
C ILE B 318 18.03 12.59 -9.39
N HIS B 319 17.95 12.67 -8.06
CA HIS B 319 19.10 13.09 -7.26
C HIS B 319 20.37 12.27 -7.48
N TRP B 320 20.26 10.97 -7.58
CA TRP B 320 21.47 10.14 -7.55
C TRP B 320 22.33 10.26 -8.84
N GLY B 321 21.66 10.29 -9.99
CA GLY B 321 22.32 10.60 -11.25
C GLY B 321 23.05 11.94 -11.22
N CYS B 322 22.43 12.95 -10.61
CA CYS B 322 23.10 14.21 -10.44
C CYS B 322 24.30 14.12 -9.51
N ALA B 323 24.18 13.36 -8.43
CA ALA B 323 25.27 13.22 -7.47
C ALA B 323 26.48 12.54 -8.13
N LEU B 324 26.21 11.50 -8.90
CA LEU B 324 27.28 10.77 -9.59
C LEU B 324 28.05 11.70 -10.56
N GLU B 325 27.32 12.53 -11.29
CA GLU B 325 27.93 13.43 -12.27
C GLU B 325 28.77 14.51 -11.59
N VAL B 326 28.31 15.03 -10.48
CA VAL B 326 29.12 15.95 -9.74
C VAL B 326 30.40 15.28 -9.27
N ALA B 327 30.30 14.07 -8.74
CA ALA B 327 31.49 13.35 -8.28
C ALA B 327 32.48 13.14 -9.43
N LYS B 328 31.96 12.81 -10.61
CA LYS B 328 32.76 12.77 -11.85
C LYS B 328 33.46 14.10 -12.18
N LEU B 329 32.72 15.20 -12.11
CA LEU B 329 33.32 16.51 -12.39
C LEU B 329 34.39 16.81 -11.34
N PHE B 330 34.13 16.44 -10.09
CA PHE B 330 35.11 16.64 -9.02
C PHE B 330 36.39 15.86 -9.34
N GLY B 331 36.22 14.66 -9.86
CA GLY B 331 37.36 13.87 -10.33
C GLY B 331 38.18 14.56 -11.42
N LYS B 332 37.50 15.27 -12.30
CA LYS B 332 38.20 16.08 -13.34
C LYS B 332 39.01 17.22 -12.72
N VAL B 333 38.46 17.83 -11.68
CA VAL B 333 39.18 18.84 -10.90
C VAL B 333 40.44 18.27 -10.26
N LEU B 334 40.35 17.07 -9.69
CA LEU B 334 41.48 16.50 -8.98
C LEU B 334 42.58 16.21 -9.97
N GLU B 335 42.18 15.82 -11.16
CA GLU B 335 43.13 15.46 -12.22
C GLU B 335 43.85 16.74 -12.69
N GLU B 336 43.09 17.81 -12.91
CA GLU B 336 43.65 19.11 -13.28
C GLU B 336 44.58 19.67 -12.21
N ARG B 337 44.46 19.20 -10.99
CA ARG B 337 45.33 19.62 -9.92
C ARG B 337 46.40 18.58 -9.62
N ASN B 338 46.55 17.57 -10.47
CA ASN B 338 47.63 16.60 -10.28
C ASN B 338 47.52 15.91 -8.92
N LEU B 339 46.30 15.70 -8.47
CA LEU B 339 46.06 14.95 -7.26
C LEU B 339 45.59 13.56 -7.68
#